data_7TQD
#
_entry.id   7TQD
#
_cell.length_a   1.00
_cell.length_b   1.00
_cell.length_c   1.00
_cell.angle_alpha   90.00
_cell.angle_beta   90.00
_cell.angle_gamma   90.00
#
_symmetry.space_group_name_H-M   'P 1'
#
loop_
_entity.id
_entity.type
_entity.pdbx_description
1 polymer Cap2
2 polymer 'Cyclic AMP-AMP-GMP synthase'
3 non-polymer 'ADENOSINE MONOPHOSPHATE'
4 non-polymer 'MAGNESIUM ION'
5 non-polymer "ADENOSINE-5'-TRIPHOSPHATE"
6 non-polymer "ADENOSINE-5'-DIPHOSPHATE"
#
loop_
_entity_poly.entity_id
_entity_poly.type
_entity_poly.pdbx_seq_one_letter_code
_entity_poly.pdbx_strand_id
1 'polypeptide(L)'
;MSTVVQQVPAELQAALTLINNDPRMRTNNAWALSADKRWSLKFTAELSVPCSSFMPDNSVWHLVLWQEETLIRIEVYPDK
SEGISATFQHQNYNFSDASTREWTSGNPALENTPTVFGRNLWGLEPEALLDRISWRLSRLLLWIDAAAQEKLATTGDAVE
LPAFPDQSPFTVIGFSEQIDDLPFWASKTGEWGFASSTGLPGAHGTLFLREFLDNKGKLIRTTKWSPFMRKGARTTNAVW
SVLPTLPVLAPWQAPRTWQELSHCFAQCGLSLPDLFSDIGRSVRALRKQRAPGLLLLGFPLENKIGDEPARIHWLALRLA
GLSNTMTKRPGFRPTERNRRTWDREQPLSQEPIRWVRTQNWAADQLRTRGEAANDIRSKKVLIIGAGSLGSMIAENLMRI
GVVSQGILDADLLQTGNLSRHALTMTSVGHNKAAALVEHLNRILPDASARSFSCAFPPESEVAKNSLRQYDVIIDCTGDD
GVLKSLAAFDWKSEKIFISLAMTWRAEGLFAFAASETSFPVTDASSRFNASASPEIDMDEARIEGIGAWHPVFPARADDV
QLWAAVGTKFICRVVSAPGRIYEYFKQMPDGTVEKEPHEY
;
A,B
2 'polypeptide(L)'
;MKSSHHHHHHENLYFQSNAELQPQFNEFLANIRPTDTQKEDWKSGARTLRERLKNFEPLKEIVVSTFLQGSIRRSTAIRP
LGDKRPDVDIVVVTNLDHTRMSPTDAMDLFIPFLEKYYPGKWETQGRSFGITLSYVELDLVITAIPESGAEKSHLEQLYK
SESVLTVNSLEEQTDWRLNKSWTPNTGWLSESNSAQVEDAPASEWKAHPLVLPDREKNEWGRTHPLAQIRWTAEKNRLCN
GHYINLVRAVKWWRQQNSEDLPKYPKGYPLEHLIGNALDNGTTSMAQGLVQLMDTFLSRWAAIYNQKSKPWLSDHGVAEH
DVMARLTAEDFCSFYEGIASAAEIARNALASEEPQESAQLWRQLFGSKFPLPGPQGGDRNGGFTTPSKPAEPQKTGRFA
;
C
#
loop_
_chem_comp.id
_chem_comp.type
_chem_comp.name
_chem_comp.formula
ADP non-polymer ADENOSINE-5'-DIPHOSPHATE 'C10 H15 N5 O10 P2'
AMP non-polymer 'ADENOSINE MONOPHOSPHATE' 'C10 H14 N5 O7 P'
ATP non-polymer ADENOSINE-5'-TRIPHOSPHATE 'C10 H16 N5 O13 P3'
MG non-polymer 'MAGNESIUM ION' 'Mg 2'
#
# COMPACT_ATOMS: atom_id res chain seq x y z
N ASP A 375 4.10 28.93 -2.82
CA ASP A 375 2.82 28.25 -2.96
C ASP A 375 2.78 26.97 -2.16
N ILE A 376 3.92 26.30 -2.05
CA ILE A 376 4.01 25.07 -1.27
C ILE A 376 4.45 25.31 0.17
N ARG A 377 5.06 26.46 0.46
CA ARG A 377 5.47 26.78 1.81
C ARG A 377 4.30 27.17 2.71
N SER A 378 3.12 27.41 2.14
CA SER A 378 1.93 27.77 2.89
C SER A 378 0.91 26.65 2.97
N LYS A 379 1.28 25.44 2.55
CA LYS A 379 0.39 24.30 2.59
C LYS A 379 0.69 23.43 3.80
N LYS A 380 -0.33 22.74 4.30
CA LYS A 380 -0.16 21.73 5.33
C LYS A 380 -0.02 20.37 4.66
N VAL A 381 1.08 19.68 4.95
CA VAL A 381 1.47 18.46 4.25
C VAL A 381 1.40 17.29 5.22
N LEU A 382 0.72 16.23 4.82
CA LEU A 382 0.63 15.00 5.60
C LEU A 382 1.36 13.88 4.88
N ILE A 383 2.26 13.21 5.59
CA ILE A 383 3.08 12.14 5.03
C ILE A 383 2.72 10.85 5.75
N ILE A 384 2.39 9.82 4.97
CA ILE A 384 2.03 8.52 5.51
C ILE A 384 3.19 7.56 5.27
N GLY A 385 3.78 7.08 6.35
CA GLY A 385 4.94 6.21 6.26
C GLY A 385 6.23 6.93 6.56
N ALA A 386 6.83 6.63 7.71
CA ALA A 386 8.07 7.28 8.16
C ALA A 386 9.27 6.37 8.03
N GLY A 387 9.32 5.55 6.98
CA GLY A 387 10.42 4.62 6.80
C GLY A 387 11.61 5.25 6.10
N SER A 388 12.07 4.62 5.02
CA SER A 388 13.26 5.08 4.32
C SER A 388 12.98 6.33 3.50
N LEU A 389 12.10 6.22 2.50
CA LEU A 389 11.83 7.34 1.60
C LEU A 389 11.13 8.48 2.32
N GLY A 390 10.19 8.15 3.21
CA GLY A 390 9.40 9.19 3.86
C GLY A 390 10.23 10.11 4.72
N SER A 391 11.17 9.56 5.49
CA SER A 391 12.00 10.38 6.36
C SER A 391 12.86 11.34 5.56
N MET A 392 13.47 10.87 4.47
CA MET A 392 14.30 11.75 3.64
C MET A 392 13.47 12.82 2.96
N ILE A 393 12.29 12.47 2.45
CA ILE A 393 11.43 13.46 1.83
C ILE A 393 11.01 14.51 2.84
N ALA A 394 10.64 14.09 4.05
CA ALA A 394 10.24 15.04 5.07
C ALA A 394 11.39 15.95 5.46
N GLU A 395 12.60 15.40 5.59
CA GLU A 395 13.76 16.23 5.92
C GLU A 395 14.02 17.26 4.84
N ASN A 396 13.97 16.85 3.58
CA ASN A 396 14.19 17.79 2.48
C ASN A 396 13.13 18.89 2.49
N LEU A 397 11.86 18.52 2.69
CA LEU A 397 10.79 19.51 2.69
C LEU A 397 10.95 20.49 3.85
N MET A 398 11.33 20.01 5.02
CA MET A 398 11.57 20.89 6.15
C MET A 398 12.75 21.82 5.89
N ARG A 399 13.77 21.33 5.19
CA ARG A 399 14.92 22.16 4.91
C ARG A 399 14.65 23.20 3.83
N ILE A 400 13.73 22.95 2.91
CA ILE A 400 13.46 23.90 1.83
C ILE A 400 12.35 24.90 2.17
N GLY A 401 11.67 24.74 3.30
CA GLY A 401 10.73 25.75 3.72
C GLY A 401 9.39 25.28 4.23
N VAL A 402 8.98 24.05 3.87
CA VAL A 402 7.68 23.54 4.27
C VAL A 402 7.72 23.21 5.76
N VAL A 403 7.02 24.00 6.57
CA VAL A 403 7.13 23.90 8.02
C VAL A 403 5.96 23.16 8.66
N SER A 404 4.79 23.12 8.02
CA SER A 404 3.61 22.47 8.61
C SER A 404 3.50 21.07 8.05
N GLN A 405 3.99 20.09 8.80
CA GLN A 405 4.01 18.70 8.38
C GLN A 405 3.43 17.80 9.45
N GLY A 406 2.83 16.71 9.01
CA GLY A 406 2.32 15.70 9.91
C GLY A 406 2.72 14.31 9.45
N ILE A 407 3.21 13.53 10.40
CA ILE A 407 3.80 12.22 10.12
C ILE A 407 2.92 11.15 10.76
N LEU A 408 2.59 10.12 9.99
CA LEU A 408 1.73 9.04 10.44
C LEU A 408 2.47 7.71 10.29
N ASP A 409 2.80 7.09 11.42
CA ASP A 409 3.42 5.78 11.43
C ASP A 409 3.16 5.11 12.76
N ALA A 410 3.28 3.78 12.78
CA ALA A 410 2.97 3.02 13.98
C ALA A 410 3.95 1.89 14.26
N ASP A 411 5.17 1.96 13.74
CA ASP A 411 6.18 0.93 13.96
C ASP A 411 7.28 1.46 14.88
N LEU A 412 8.24 0.58 15.16
CA LEU A 412 9.37 0.89 16.02
C LEU A 412 10.67 0.84 15.21
N LEU A 413 11.62 1.68 15.60
CA LEU A 413 12.89 1.79 14.90
C LEU A 413 13.88 0.76 15.42
N GLN A 414 14.56 0.10 14.50
CA GLN A 414 15.53 -0.94 14.83
C GLN A 414 16.90 -0.53 14.31
N THR A 415 17.90 -1.35 14.63
CA THR A 415 19.27 -1.04 14.23
C THR A 415 19.48 -1.34 12.75
N GLY A 416 18.83 -2.37 12.22
CA GLY A 416 19.00 -2.71 10.82
C GLY A 416 18.48 -1.65 9.88
N ASN A 417 17.46 -0.91 10.31
CA ASN A 417 16.86 0.11 9.45
C ASN A 417 17.81 1.26 9.19
N LEU A 418 18.80 1.46 10.06
CA LEU A 418 19.69 2.61 9.94
C LEU A 418 20.63 2.52 8.74
N SER A 419 20.70 1.38 8.06
CA SER A 419 21.52 1.30 6.86
C SER A 419 20.97 2.18 5.76
N ARG A 420 19.65 2.39 5.74
CA ARG A 420 19.00 3.34 4.83
C ARG A 420 17.92 4.10 5.61
N HIS A 421 18.32 5.21 6.22
CA HIS A 421 17.40 6.00 7.04
C HIS A 421 18.04 7.36 7.29
N ALA A 422 17.22 8.29 7.78
CA ALA A 422 17.67 9.63 8.10
C ALA A 422 18.01 9.81 9.58
N LEU A 423 17.86 8.77 10.39
CA LEU A 423 18.06 8.86 11.82
C LEU A 423 19.30 8.09 12.24
N THR A 424 19.56 8.07 13.56
CA THR A 424 20.77 7.47 14.11
C THR A 424 20.43 6.45 15.19
N MET A 425 21.44 5.99 15.93
CA MET A 425 21.20 4.99 16.96
C MET A 425 20.54 5.58 18.21
N THR A 426 20.53 6.90 18.35
CA THR A 426 19.88 7.51 19.50
C THR A 426 18.36 7.47 19.42
N SER A 427 17.80 6.98 18.31
CA SER A 427 16.36 6.86 18.15
C SER A 427 15.91 5.41 18.05
N VAL A 428 16.75 4.46 18.47
CA VAL A 428 16.39 3.05 18.37
C VAL A 428 15.44 2.68 19.49
N GLY A 429 14.36 1.98 19.14
CA GLY A 429 13.35 1.57 20.11
C GLY A 429 12.20 2.54 20.27
N HIS A 430 12.22 3.68 19.59
CA HIS A 430 11.13 4.64 19.64
C HIS A 430 10.15 4.39 18.50
N ASN A 431 8.99 5.03 18.59
CA ASN A 431 8.08 5.08 17.47
C ASN A 431 8.71 5.91 16.36
N LYS A 432 8.58 5.43 15.12
CA LYS A 432 9.23 6.10 14.00
C LYS A 432 8.71 7.54 13.85
N ALA A 433 7.40 7.73 13.96
CA ALA A 433 6.82 9.05 13.77
C ALA A 433 7.32 10.04 14.80
N ALA A 434 7.39 9.63 16.08
CA ALA A 434 7.79 10.56 17.13
C ALA A 434 9.25 10.97 17.00
N ALA A 435 10.13 10.00 16.74
CA ALA A 435 11.55 10.32 16.56
C ALA A 435 11.76 11.21 15.34
N LEU A 436 11.08 10.88 14.23
CA LEU A 436 11.20 11.72 13.03
C LEU A 436 10.71 13.13 13.31
N VAL A 437 9.62 13.26 14.08
CA VAL A 437 9.07 14.58 14.39
C VAL A 437 10.05 15.39 15.23
N GLU A 438 10.66 14.76 16.24
CA GLU A 438 11.65 15.48 17.05
C GLU A 438 12.84 15.92 16.20
N HIS A 439 13.34 15.03 15.34
CA HIS A 439 14.46 15.38 14.49
C HIS A 439 14.11 16.53 13.56
N LEU A 440 12.90 16.52 13.00
CA LEU A 440 12.46 17.61 12.14
C LEU A 440 12.35 18.92 12.92
N ASN A 441 11.80 18.86 14.13
CA ASN A 441 11.67 20.06 14.94
C ASN A 441 13.02 20.61 15.38
N ARG A 442 14.08 19.80 15.38
CA ARG A 442 15.41 20.28 15.71
C ARG A 442 16.17 20.85 14.50
N ILE A 443 15.48 21.21 13.42
CA ILE A 443 16.16 21.64 12.21
C ILE A 443 16.26 23.17 12.16
N LEU A 444 15.11 23.84 12.13
CA LEU A 444 15.07 25.28 11.97
C LEU A 444 14.13 25.88 13.00
N PRO A 445 14.36 27.14 13.40
CA PRO A 445 13.58 27.73 14.50
C PRO A 445 12.11 27.94 14.17
N ASP A 446 11.68 27.77 12.92
CA ASP A 446 10.30 28.02 12.53
C ASP A 446 9.55 26.72 12.22
N ALA A 447 10.09 25.57 12.62
CA ALA A 447 9.47 24.29 12.32
C ALA A 447 8.31 24.02 13.26
N SER A 448 7.28 23.35 12.72
CA SER A 448 6.09 22.99 13.50
C SER A 448 5.52 21.70 12.91
N ALA A 449 5.93 20.58 13.48
CA ALA A 449 5.51 19.26 13.00
C ALA A 449 4.76 18.52 14.09
N ARG A 450 3.86 17.64 13.66
CA ARG A 450 3.03 16.85 14.55
C ARG A 450 3.11 15.38 14.18
N SER A 451 2.88 14.53 15.17
CA SER A 451 3.03 13.08 15.02
C SER A 451 1.71 12.39 15.32
N PHE A 452 1.39 11.38 14.51
CA PHE A 452 0.23 10.52 14.74
C PHE A 452 0.73 9.09 14.83
N SER A 453 0.55 8.47 16.00
CA SER A 453 1.09 7.15 16.27
C SER A 453 0.16 6.02 15.85
N CYS A 454 -1.06 6.33 15.43
CA CYS A 454 -2.00 5.31 14.98
C CYS A 454 -1.67 4.89 13.56
N ALA A 455 -2.40 3.88 13.08
CA ALA A 455 -2.25 3.39 11.72
C ALA A 455 -3.46 3.80 10.89
N PHE A 456 -3.19 4.22 9.66
CA PHE A 456 -4.27 4.66 8.78
C PHE A 456 -5.18 3.48 8.44
N PRO A 457 -6.51 3.64 8.50
CA PRO A 457 -7.17 4.85 9.00
C PRO A 457 -7.34 4.83 10.52
N PRO A 458 -7.37 6.01 11.13
CA PRO A 458 -7.59 6.07 12.59
C PRO A 458 -8.99 5.64 12.95
N GLU A 459 -9.15 5.22 14.21
CA GLU A 459 -10.45 4.78 14.70
C GLU A 459 -11.28 5.92 15.28
N SER A 460 -10.67 6.75 16.12
CA SER A 460 -11.40 7.84 16.75
C SER A 460 -11.83 8.88 15.71
N GLU A 461 -13.02 9.44 15.91
CA GLU A 461 -13.50 10.47 15.00
C GLU A 461 -12.69 11.76 15.14
N VAL A 462 -12.17 12.03 16.34
CA VAL A 462 -11.35 13.22 16.54
C VAL A 462 -10.09 13.15 15.69
N ALA A 463 -9.48 11.95 15.61
CA ALA A 463 -8.29 11.79 14.78
C ALA A 463 -8.61 12.01 13.31
N LYS A 464 -9.76 11.53 12.85
CA LYS A 464 -10.16 11.77 11.46
C LYS A 464 -10.36 13.25 11.19
N ASN A 465 -11.01 13.96 12.14
CA ASN A 465 -11.19 15.39 11.96
C ASN A 465 -9.85 16.12 11.94
N SER A 466 -8.89 15.66 12.74
CA SER A 466 -7.55 16.24 12.70
C SER A 466 -6.88 15.98 11.36
N LEU A 467 -7.06 14.77 10.81
CA LEU A 467 -6.44 14.45 9.52
C LEU A 467 -7.05 15.24 8.38
N ARG A 468 -8.35 15.56 8.47
CA ARG A 468 -9.01 16.29 7.39
C ARG A 468 -8.61 17.75 7.30
N GLN A 469 -7.68 18.22 8.12
CA GLN A 469 -7.24 19.61 8.09
C GLN A 469 -6.06 19.86 7.18
N TYR A 470 -5.55 18.83 6.51
CA TYR A 470 -4.36 18.94 5.69
C TYR A 470 -4.74 19.07 4.21
N ASP A 471 -3.88 19.75 3.46
CA ASP A 471 -4.13 20.06 2.05
C ASP A 471 -3.49 19.07 1.10
N VAL A 472 -2.26 18.65 1.35
CA VAL A 472 -1.53 17.73 0.49
C VAL A 472 -1.33 16.43 1.23
N ILE A 473 -1.70 15.32 0.59
CA ILE A 473 -1.58 13.99 1.18
C ILE A 473 -0.56 13.22 0.35
N ILE A 474 0.51 12.77 1.01
CA ILE A 474 1.60 12.06 0.34
C ILE A 474 1.70 10.66 0.91
N ASP A 475 1.76 9.66 0.02
CA ASP A 475 1.86 8.27 0.40
C ASP A 475 3.26 7.75 0.08
N CYS A 476 3.95 7.25 1.09
CA CYS A 476 5.31 6.74 0.93
C CYS A 476 5.47 5.41 1.66
N THR A 477 4.47 4.54 1.52
CA THR A 477 4.47 3.25 2.20
C THR A 477 4.73 2.08 1.26
N GLY A 478 4.30 2.18 0.01
CA GLY A 478 4.46 1.05 -0.89
C GLY A 478 3.52 -0.11 -0.63
N ASP A 479 2.41 0.15 0.06
CA ASP A 479 1.44 -0.88 0.42
C ASP A 479 0.12 -0.62 -0.27
N ASP A 480 -0.47 -1.69 -0.81
CA ASP A 480 -1.76 -1.58 -1.51
C ASP A 480 -2.92 -1.34 -0.55
N GLY A 481 -2.83 -1.90 0.66
CA GLY A 481 -3.89 -1.68 1.64
C GLY A 481 -4.03 -0.22 1.99
N VAL A 482 -2.92 0.52 2.02
CA VAL A 482 -3.00 1.95 2.30
C VAL A 482 -3.68 2.68 1.15
N LEU A 483 -3.42 2.25 -0.08
CA LEU A 483 -4.12 2.86 -1.21
C LEU A 483 -5.63 2.63 -1.13
N LYS A 484 -6.04 1.40 -0.79
CA LYS A 484 -7.47 1.13 -0.66
C LYS A 484 -8.08 1.91 0.49
N SER A 485 -7.37 2.02 1.61
CA SER A 485 -7.87 2.83 2.73
C SER A 485 -8.00 4.29 2.36
N LEU A 486 -7.04 4.82 1.58
CA LEU A 486 -7.15 6.19 1.09
C LEU A 486 -8.35 6.35 0.18
N ALA A 487 -8.60 5.36 -0.66
CA ALA A 487 -9.75 5.43 -1.56
C ALA A 487 -11.07 5.36 -0.80
N ALA A 488 -11.09 4.64 0.32
CA ALA A 488 -12.33 4.42 1.08
C ALA A 488 -12.54 5.45 2.19
N PHE A 489 -11.62 6.39 2.39
CA PHE A 489 -11.72 7.40 3.43
C PHE A 489 -12.55 8.57 2.91
N ASP A 490 -13.23 9.25 3.82
CA ASP A 490 -14.05 10.41 3.48
C ASP A 490 -13.30 11.67 3.90
N TRP A 491 -12.84 12.45 2.92
CA TRP A 491 -12.05 13.64 3.19
C TRP A 491 -12.87 14.91 3.25
N LYS A 492 -14.08 14.91 2.67
CA LYS A 492 -15.07 15.98 2.75
C LYS A 492 -14.65 17.25 2.02
N SER A 493 -13.57 17.22 1.25
CA SER A 493 -13.15 18.38 0.47
C SER A 493 -12.15 17.92 -0.59
N GLU A 494 -11.66 18.88 -1.36
CA GLU A 494 -10.74 18.58 -2.44
C GLU A 494 -9.31 18.60 -1.94
N LYS A 495 -8.54 17.57 -2.29
CA LYS A 495 -7.17 17.42 -1.83
C LYS A 495 -6.27 17.11 -3.02
N ILE A 496 -4.96 17.21 -2.78
CA ILE A 496 -3.95 16.82 -3.75
C ILE A 496 -3.31 15.53 -3.24
N PHE A 497 -3.38 14.48 -4.04
CA PHE A 497 -2.88 13.16 -3.66
C PHE A 497 -1.65 12.82 -4.49
N ILE A 498 -0.56 12.46 -3.81
CA ILE A 498 0.70 12.10 -4.45
C ILE A 498 1.14 10.75 -3.93
N SER A 499 1.55 9.87 -4.84
CA SER A 499 2.00 8.53 -4.48
C SER A 499 3.40 8.30 -5.03
N LEU A 500 4.33 7.90 -4.15
CA LEU A 500 5.72 7.68 -4.51
C LEU A 500 6.17 6.33 -3.99
N ALA A 501 6.87 5.57 -4.84
CA ALA A 501 7.39 4.27 -4.44
C ALA A 501 8.51 3.88 -5.40
N MET A 502 9.36 2.97 -4.94
CA MET A 502 10.52 2.50 -5.71
C MET A 502 10.26 1.10 -6.24
N THR A 503 11.14 0.66 -7.14
CA THR A 503 11.02 -0.64 -7.76
C THR A 503 11.99 -1.63 -7.10
N TRP A 504 12.07 -2.83 -7.67
CA TRP A 504 13.02 -3.82 -7.20
C TRP A 504 14.45 -3.35 -7.45
N ARG A 505 15.30 -3.48 -6.43
CA ARG A 505 16.69 -3.04 -6.46
C ARG A 505 16.82 -1.53 -6.60
N ALA A 506 15.73 -0.79 -6.37
CA ALA A 506 15.73 0.67 -6.45
C ALA A 506 16.20 1.16 -7.82
N GLU A 507 15.83 0.43 -8.87
CA GLU A 507 16.22 0.79 -10.22
C GLU A 507 15.34 1.85 -10.85
N GLY A 508 14.16 2.11 -10.30
CA GLY A 508 13.24 3.07 -10.85
C GLY A 508 12.37 3.68 -9.78
N LEU A 509 11.51 4.61 -10.19
CA LEU A 509 10.63 5.31 -9.27
C LEU A 509 9.27 5.50 -9.92
N PHE A 510 8.20 5.23 -9.17
CA PHE A 510 6.84 5.49 -9.60
C PHE A 510 6.38 6.81 -8.99
N ALA A 511 5.84 7.69 -9.83
CA ALA A 511 5.34 8.98 -9.38
C ALA A 511 3.95 9.21 -9.96
N PHE A 512 2.97 9.39 -9.08
CA PHE A 512 1.59 9.59 -9.47
C PHE A 512 1.02 10.77 -8.69
N ALA A 513 0.13 11.53 -9.34
CA ALA A 513 -0.47 12.71 -8.72
C ALA A 513 -1.89 12.89 -9.22
N ALA A 514 -2.75 13.44 -8.38
CA ALA A 514 -4.13 13.74 -8.73
C ALA A 514 -4.65 14.81 -7.80
N SER A 515 -5.75 15.44 -8.21
CA SER A 515 -6.39 16.52 -7.43
C SER A 515 -7.90 16.28 -7.47
N GLU A 516 -8.42 15.58 -6.47
CA GLU A 516 -9.83 15.22 -6.42
C GLU A 516 -10.31 15.25 -4.98
N THR A 517 -11.57 14.84 -4.79
CA THR A 517 -12.10 14.63 -3.46
C THR A 517 -11.82 13.21 -2.97
N SER A 518 -11.69 12.26 -3.88
CA SER A 518 -11.37 10.88 -3.55
C SER A 518 -10.15 10.43 -4.35
N PHE A 519 -9.37 9.53 -3.76
CA PHE A 519 -8.16 9.06 -4.39
C PHE A 519 -8.49 7.99 -5.43
N PRO A 520 -8.07 8.14 -6.69
CA PRO A 520 -8.29 7.09 -7.69
C PRO A 520 -7.23 6.01 -7.57
N VAL A 521 -7.66 4.81 -7.20
CA VAL A 521 -6.75 3.69 -6.98
C VAL A 521 -6.61 2.82 -8.21
N THR A 522 -7.70 2.62 -8.96
CA THR A 522 -7.63 1.78 -10.15
C THR A 522 -6.71 2.39 -11.20
N ASP A 523 -6.81 3.70 -11.42
CA ASP A 523 -5.96 4.36 -12.40
C ASP A 523 -4.49 4.28 -12.00
N ALA A 524 -4.19 4.52 -10.72
CA ALA A 524 -2.82 4.43 -10.25
C ALA A 524 -2.28 3.02 -10.41
N SER A 525 -3.09 2.01 -10.06
CA SER A 525 -2.64 0.63 -10.21
C SER A 525 -2.38 0.28 -11.66
N SER A 526 -3.26 0.72 -12.56
CA SER A 526 -3.06 0.44 -13.98
C SER A 526 -1.79 1.12 -14.50
N ARG A 527 -1.53 2.36 -14.08
CA ARG A 527 -0.32 3.04 -14.50
C ARG A 527 0.93 2.34 -13.97
N PHE A 528 0.90 1.90 -12.71
CA PHE A 528 2.04 1.19 -12.15
C PHE A 528 2.29 -0.11 -12.92
N ASN A 529 1.22 -0.83 -13.26
CA ASN A 529 1.39 -2.09 -13.99
C ASN A 529 1.86 -1.86 -15.43
N ALA A 530 1.48 -0.73 -16.04
CA ALA A 530 1.85 -0.50 -17.43
C ALA A 530 3.33 -0.19 -17.59
N SER A 531 3.96 0.42 -16.59
CA SER A 531 5.35 0.80 -16.70
C SER A 531 6.26 -0.42 -16.77
N ALA A 532 7.38 -0.27 -17.46
CA ALA A 532 8.36 -1.34 -17.58
C ALA A 532 9.29 -1.31 -16.36
N SER A 533 9.23 -2.35 -15.54
CA SER A 533 9.97 -2.42 -14.29
C SER A 533 10.66 -3.76 -14.17
N PRO A 534 11.74 -3.84 -13.40
CA PRO A 534 12.43 -5.13 -13.22
C PRO A 534 11.56 -6.14 -12.51
N GLU A 535 11.73 -7.41 -12.88
CA GLU A 535 11.02 -8.48 -12.22
C GLU A 535 11.68 -8.86 -10.90
N ILE A 536 10.89 -9.38 -9.98
CA ILE A 536 11.38 -9.72 -8.65
C ILE A 536 12.01 -11.10 -8.69
N ASP A 537 13.29 -11.17 -8.32
CA ASP A 537 14.02 -12.42 -8.23
C ASP A 537 14.49 -12.62 -6.79
N MET A 538 14.23 -13.80 -6.24
CA MET A 538 14.55 -14.08 -4.84
C MET A 538 16.03 -14.33 -4.60
N ASP A 539 16.82 -14.50 -5.66
CA ASP A 539 18.26 -14.73 -5.47
C ASP A 539 18.93 -13.52 -4.82
N GLU A 540 18.59 -12.31 -5.26
CA GLU A 540 19.18 -11.11 -4.71
C GLU A 540 18.62 -10.76 -3.33
N ALA A 541 17.56 -11.43 -2.90
CA ALA A 541 16.93 -11.12 -1.62
C ALA A 541 17.67 -11.84 -0.50
N ARG A 542 18.32 -11.08 0.38
CA ARG A 542 19.06 -11.65 1.50
C ARG A 542 18.19 -11.69 2.76
N ILE A 543 18.43 -12.69 3.60
CA ILE A 543 17.71 -12.81 4.85
C ILE A 543 18.13 -11.71 5.80
N GLU A 544 17.19 -11.24 6.63
CA GLU A 544 17.45 -10.08 7.47
C GLU A 544 18.51 -10.36 8.53
N GLY A 545 18.69 -11.61 8.92
CA GLY A 545 19.69 -11.93 9.92
C GLY A 545 19.68 -13.41 10.24
N ILE A 546 20.56 -13.78 11.16
CA ILE A 546 20.64 -15.16 11.62
C ILE A 546 19.48 -15.44 12.57
N GLY A 547 18.91 -16.63 12.46
CA GLY A 547 17.74 -16.96 13.25
C GLY A 547 16.47 -16.25 12.83
N ALA A 548 16.31 -15.98 11.53
CA ALA A 548 15.12 -15.33 11.01
C ALA A 548 14.73 -15.99 9.70
N TRP A 549 13.52 -15.66 9.22
CA TRP A 549 12.94 -16.31 8.05
C TRP A 549 12.68 -15.36 6.89
N HIS A 550 12.16 -14.16 7.16
CA HIS A 550 11.75 -13.26 6.10
C HIS A 550 12.96 -12.56 5.48
N PRO A 551 12.98 -12.41 4.16
CA PRO A 551 14.06 -11.62 3.52
C PRO A 551 13.74 -10.13 3.52
N VAL A 552 14.61 -9.33 2.90
CA VAL A 552 14.44 -7.89 2.81
C VAL A 552 14.69 -7.45 1.37
N PHE A 553 14.21 -6.25 1.05
CA PHE A 553 14.48 -5.88 -0.34
C PHE A 553 15.77 -5.08 -0.43
N PRO A 554 16.54 -5.27 -1.50
CA PRO A 554 17.86 -4.63 -1.59
C PRO A 554 17.76 -3.18 -2.05
N ALA A 555 18.40 -2.29 -1.30
CA ALA A 555 18.47 -0.88 -1.65
C ALA A 555 19.56 -0.23 -0.81
N ARG A 556 20.46 0.49 -1.46
CA ARG A 556 21.53 1.21 -0.77
C ARG A 556 21.07 2.62 -0.42
N ALA A 557 21.85 3.29 0.44
CA ALA A 557 21.47 4.61 0.90
C ALA A 557 21.48 5.63 -0.23
N ASP A 558 22.46 5.54 -1.13
CA ASP A 558 22.59 6.55 -2.17
C ASP A 558 21.42 6.50 -3.16
N ASP A 559 20.94 5.30 -3.48
CA ASP A 559 19.77 5.20 -4.35
C ASP A 559 18.55 5.86 -3.72
N VAL A 560 18.33 5.62 -2.43
CA VAL A 560 17.19 6.21 -1.75
C VAL A 560 17.33 7.72 -1.68
N GLN A 561 18.55 8.22 -1.49
CA GLN A 561 18.75 9.67 -1.48
C GLN A 561 18.47 10.29 -2.84
N LEU A 562 18.95 9.64 -3.91
CA LEU A 562 18.65 10.11 -5.26
C LEU A 562 17.16 10.19 -5.50
N TRP A 563 16.44 9.12 -5.16
CA TRP A 563 15.00 9.09 -5.41
C TRP A 563 14.26 10.06 -4.49
N ALA A 564 14.78 10.32 -3.29
CA ALA A 564 14.17 11.33 -2.43
C ALA A 564 14.28 12.72 -3.03
N ALA A 565 15.45 13.06 -3.58
CA ALA A 565 15.60 14.35 -4.25
C ALA A 565 14.68 14.48 -5.46
N VAL A 566 14.63 13.43 -6.27
CA VAL A 566 13.75 13.46 -7.45
C VAL A 566 12.30 13.60 -7.01
N GLY A 567 11.90 12.90 -5.95
CA GLY A 567 10.54 12.99 -5.46
C GLY A 567 10.20 14.37 -4.93
N THR A 568 11.14 15.01 -4.25
CA THR A 568 10.89 16.37 -3.77
C THR A 568 10.67 17.33 -4.94
N LYS A 569 11.51 17.22 -5.98
CA LYS A 569 11.29 18.07 -7.15
C LYS A 569 9.94 17.79 -7.80
N PHE A 570 9.56 16.52 -7.91
CA PHE A 570 8.27 16.17 -8.49
C PHE A 570 7.12 16.74 -7.67
N ILE A 571 7.23 16.68 -6.34
CA ILE A 571 6.19 17.23 -5.48
C ILE A 571 6.05 18.73 -5.69
N CYS A 572 7.17 19.44 -5.76
CA CYS A 572 7.09 20.89 -5.99
C CYS A 572 6.44 21.20 -7.33
N ARG A 573 6.82 20.47 -8.38
CA ARG A 573 6.23 20.71 -9.70
C ARG A 573 4.74 20.44 -9.69
N VAL A 574 4.30 19.36 -9.05
CA VAL A 574 2.88 19.02 -9.03
C VAL A 574 2.10 20.06 -8.25
N VAL A 575 2.64 20.51 -7.11
CA VAL A 575 1.94 21.52 -6.32
C VAL A 575 1.81 22.82 -7.11
N SER A 576 2.82 23.15 -7.91
CA SER A 576 2.72 24.37 -8.72
C SER A 576 1.56 24.29 -9.72
N ALA A 577 1.39 23.15 -10.39
CA ALA A 577 0.35 22.96 -11.40
C ALA A 577 -0.38 21.66 -11.16
N PRO A 578 -1.41 21.66 -10.32
CA PRO A 578 -2.11 20.41 -9.99
C PRO A 578 -2.84 19.82 -11.19
N GLY A 579 -2.96 18.50 -11.19
CA GLY A 579 -3.63 17.80 -12.25
C GLY A 579 -3.36 16.32 -12.17
N ARG A 580 -3.82 15.60 -13.20
CA ARG A 580 -3.61 14.17 -13.31
C ARG A 580 -2.28 13.92 -14.01
N ILE A 581 -1.27 13.47 -13.26
CA ILE A 581 0.09 13.34 -13.75
C ILE A 581 0.65 11.98 -13.35
N TYR A 582 1.37 11.35 -14.28
CA TYR A 582 2.14 10.15 -13.98
C TYR A 582 3.46 10.18 -14.72
N GLU A 583 4.56 9.89 -14.00
CA GLU A 583 5.89 9.87 -14.58
C GLU A 583 6.68 8.71 -13.98
N TYR A 584 7.50 8.08 -14.81
CA TYR A 584 8.34 6.96 -14.39
C TYR A 584 9.80 7.30 -14.69
N PHE A 585 10.65 7.15 -13.68
CA PHE A 585 12.06 7.49 -13.77
C PHE A 585 12.91 6.22 -13.74
N LYS A 586 14.08 6.29 -14.37
CA LYS A 586 15.00 5.16 -14.43
C LYS A 586 16.42 5.67 -14.28
N GLN A 587 17.24 4.94 -13.52
CA GLN A 587 18.64 5.28 -13.37
C GLN A 587 19.49 4.34 -14.22
N MET A 588 20.56 4.89 -14.81
CA MET A 588 21.40 4.16 -15.73
C MET A 588 22.77 3.89 -15.11
N PRO A 589 23.48 2.85 -15.59
CA PRO A 589 24.78 2.53 -14.99
C PRO A 589 25.80 3.65 -15.05
N ASP A 590 25.75 4.50 -16.07
CA ASP A 590 26.72 5.59 -16.20
C ASP A 590 26.42 6.75 -15.27
N GLY A 591 25.31 6.71 -14.54
CA GLY A 591 24.96 7.76 -13.60
C GLY A 591 23.89 8.73 -14.06
N THR A 592 23.24 8.46 -15.19
CA THR A 592 22.22 9.35 -15.73
C THR A 592 20.83 8.89 -15.30
N VAL A 593 19.88 9.82 -15.37
CA VAL A 593 18.49 9.59 -15.02
C VAL A 593 17.64 9.87 -16.25
N GLU A 594 16.79 8.93 -16.62
CA GLU A 594 15.86 9.07 -17.73
C GLU A 594 14.44 9.03 -17.23
N LYS A 595 13.53 9.68 -17.97
CA LYS A 595 12.15 9.83 -17.57
C LYS A 595 11.22 9.41 -18.69
N GLU A 596 10.17 8.66 -18.35
CA GLU A 596 9.14 8.26 -19.31
C GLU A 596 7.79 8.77 -18.84
N PRO A 597 7.25 9.81 -19.45
CA PRO A 597 5.96 10.35 -19.01
C PRO A 597 4.79 9.60 -19.65
N HIS A 598 3.59 9.92 -19.17
CA HIS A 598 2.35 9.38 -19.72
C HIS A 598 1.45 10.53 -20.13
N GLU A 599 0.87 10.41 -21.32
CA GLU A 599 -0.04 11.42 -21.86
C GLU A 599 -1.48 11.01 -21.59
N TYR A 600 -2.26 11.91 -21.01
CA TYR A 600 -3.64 11.62 -20.70
C TYR A 600 -4.59 12.25 -21.73
N GLN B 7 -29.58 -12.53 12.30
CA GLN B 7 -29.63 -13.60 11.32
C GLN B 7 -28.25 -13.88 10.74
N VAL B 8 -28.00 -15.13 10.38
CA VAL B 8 -26.73 -15.53 9.79
C VAL B 8 -26.68 -15.01 8.36
N PRO B 9 -25.68 -14.20 8.01
CA PRO B 9 -25.61 -13.66 6.65
C PRO B 9 -25.30 -14.75 5.62
N ALA B 10 -25.33 -14.34 4.35
CA ALA B 10 -25.27 -15.30 3.26
C ALA B 10 -23.88 -15.90 3.09
N GLU B 11 -22.83 -15.09 3.20
CA GLU B 11 -21.48 -15.60 2.97
C GLU B 11 -21.08 -16.61 4.03
N LEU B 12 -21.56 -16.43 5.27
CA LEU B 12 -21.29 -17.43 6.29
C LEU B 12 -21.97 -18.75 5.96
N GLN B 13 -23.18 -18.70 5.41
CA GLN B 13 -23.86 -19.91 4.97
C GLN B 13 -23.09 -20.58 3.83
N ALA B 14 -22.57 -19.77 2.90
CA ALA B 14 -21.76 -20.32 1.81
C ALA B 14 -20.50 -20.97 2.36
N ALA B 15 -19.88 -20.36 3.37
CA ALA B 15 -18.69 -20.95 3.99
C ALA B 15 -19.04 -22.27 4.67
N LEU B 16 -20.18 -22.33 5.37
CA LEU B 16 -20.61 -23.58 5.99
C LEU B 16 -20.83 -24.66 4.94
N THR B 17 -21.46 -24.30 3.81
CA THR B 17 -21.64 -25.26 2.73
C THR B 17 -20.31 -25.73 2.17
N LEU B 18 -19.35 -24.81 2.04
CA LEU B 18 -18.02 -25.17 1.55
C LEU B 18 -17.34 -26.15 2.49
N ILE B 19 -17.43 -25.91 3.79
CA ILE B 19 -16.83 -26.82 4.77
C ILE B 19 -17.50 -28.18 4.71
N ASN B 20 -18.83 -28.21 4.61
CA ASN B 20 -19.54 -29.48 4.55
C ASN B 20 -19.21 -30.26 3.29
N ASN B 21 -18.98 -29.56 2.18
CA ASN B 21 -18.74 -30.23 0.90
C ASN B 21 -17.37 -30.89 0.86
N ASP B 22 -16.41 -30.37 1.63
CA ASP B 22 -15.05 -30.90 1.56
C ASP B 22 -15.01 -32.34 2.06
N PRO B 23 -14.35 -33.25 1.33
CA PRO B 23 -14.29 -34.64 1.79
C PRO B 23 -13.56 -34.84 3.10
N ARG B 24 -12.52 -34.03 3.36
CA ARG B 24 -11.69 -34.20 4.54
C ARG B 24 -12.04 -33.21 5.65
N MET B 25 -13.29 -32.77 5.71
CA MET B 25 -13.70 -31.80 6.72
C MET B 25 -15.17 -32.00 7.04
N ARG B 26 -15.52 -31.83 8.31
CA ARG B 26 -16.90 -31.96 8.77
C ARG B 26 -17.20 -30.89 9.80
N THR B 27 -18.47 -30.56 9.95
CA THR B 27 -18.90 -29.58 10.94
C THR B 27 -20.37 -29.80 11.26
N ASN B 28 -20.75 -29.52 12.50
CA ASN B 28 -22.14 -29.61 12.94
C ASN B 28 -22.65 -28.32 13.55
N ASN B 29 -21.83 -27.61 14.32
CA ASN B 29 -22.26 -26.38 14.94
C ASN B 29 -22.43 -25.28 13.90
N ALA B 30 -23.28 -24.31 14.21
CA ALA B 30 -23.53 -23.19 13.32
C ALA B 30 -22.70 -21.99 13.77
N TRP B 31 -22.75 -20.91 13.00
CA TRP B 31 -22.00 -19.71 13.32
C TRP B 31 -22.52 -19.07 14.60
N ALA B 32 -21.66 -18.29 15.24
CA ALA B 32 -22.02 -17.61 16.48
C ALA B 32 -21.29 -16.28 16.55
N LEU B 33 -22.04 -15.21 16.84
CA LEU B 33 -21.47 -13.89 16.98
C LEU B 33 -21.09 -13.65 18.44
N SER B 34 -19.90 -13.11 18.65
CA SER B 34 -19.39 -12.83 19.99
C SER B 34 -19.63 -11.37 20.35
N ALA B 35 -19.37 -11.05 21.62
CA ALA B 35 -19.47 -9.67 22.08
C ALA B 35 -18.46 -8.77 21.40
N ASP B 36 -17.32 -9.33 21.00
CA ASP B 36 -16.28 -8.58 20.31
C ASP B 36 -16.47 -8.58 18.79
N LYS B 37 -17.68 -8.88 18.32
CA LYS B 37 -18.02 -8.86 16.89
C LYS B 37 -17.12 -9.82 16.11
N ARG B 38 -17.02 -11.05 16.60
CA ARG B 38 -16.26 -12.10 15.94
C ARG B 38 -17.18 -13.28 15.65
N TRP B 39 -17.21 -13.71 14.39
CA TRP B 39 -18.01 -14.84 13.97
C TRP B 39 -17.14 -16.09 13.96
N SER B 40 -17.55 -17.10 14.71
CA SER B 40 -16.75 -18.30 14.91
C SER B 40 -17.55 -19.53 14.52
N LEU B 41 -16.84 -20.53 13.99
CA LEU B 41 -17.45 -21.81 13.64
C LEU B 41 -16.53 -22.95 14.07
N LYS B 42 -17.13 -24.02 14.54
CA LYS B 42 -16.39 -25.19 14.99
C LYS B 42 -16.43 -26.27 13.91
N PHE B 43 -15.26 -26.82 13.58
CA PHE B 43 -15.16 -27.83 12.54
C PHE B 43 -14.02 -28.78 12.86
N THR B 44 -14.06 -29.95 12.24
CA THR B 44 -13.08 -31.00 12.46
C THR B 44 -12.33 -31.31 11.17
N ALA B 45 -11.03 -31.60 11.32
CA ALA B 45 -10.16 -31.86 10.19
C ALA B 45 -9.57 -33.26 10.29
N GLU B 46 -9.36 -33.89 9.14
CA GLU B 46 -8.82 -35.24 9.06
C GLU B 46 -7.42 -35.19 8.47
N LEU B 47 -6.78 -36.36 8.43
CA LEU B 47 -5.44 -36.50 7.91
C LEU B 47 -5.38 -37.61 6.88
N SER B 48 -4.52 -37.42 5.88
CA SER B 48 -4.25 -38.44 4.86
C SER B 48 -2.91 -39.12 5.08
N VAL B 49 -2.27 -38.90 6.22
CA VAL B 49 -0.95 -39.45 6.52
C VAL B 49 -1.03 -40.10 7.90
N PRO B 50 -0.22 -41.11 8.20
CA PRO B 50 -0.28 -41.73 9.52
C PRO B 50 -0.08 -40.71 10.64
N CYS B 51 -0.89 -40.83 11.68
CA CYS B 51 -0.88 -39.88 12.77
C CYS B 51 0.35 -40.06 13.64
N SER B 52 0.71 -39.00 14.34
CA SER B 52 1.83 -38.99 15.28
C SER B 52 1.31 -38.81 16.70
N SER B 53 2.23 -38.89 17.66
CA SER B 53 1.85 -38.70 19.06
C SER B 53 1.44 -37.26 19.34
N PHE B 54 2.11 -36.30 18.72
CA PHE B 54 1.87 -34.89 19.04
C PHE B 54 0.60 -34.38 18.38
N MET B 55 0.19 -34.97 17.26
CA MET B 55 -1.01 -34.53 16.55
C MET B 55 -1.90 -35.72 16.23
N PRO B 56 -3.14 -35.73 16.69
CA PRO B 56 -4.06 -36.81 16.35
C PRO B 56 -4.61 -36.65 14.93
N ASP B 57 -5.29 -37.69 14.46
CA ASP B 57 -5.86 -37.66 13.11
C ASP B 57 -7.03 -36.68 13.03
N ASN B 58 -7.95 -36.76 13.98
CA ASN B 58 -9.14 -35.90 13.99
C ASN B 58 -8.91 -34.78 15.00
N SER B 59 -8.57 -33.59 14.50
CA SER B 59 -8.33 -32.42 15.33
C SER B 59 -9.47 -31.43 15.14
N VAL B 60 -9.81 -30.71 16.21
CA VAL B 60 -10.93 -29.77 16.22
C VAL B 60 -10.38 -28.36 16.20
N TRP B 61 -10.91 -27.53 15.30
CA TRP B 61 -10.45 -26.16 15.12
C TRP B 61 -11.62 -25.19 15.23
N HIS B 62 -11.30 -23.91 15.15
CA HIS B 62 -12.28 -22.84 15.28
C HIS B 62 -11.95 -21.74 14.27
N LEU B 63 -12.76 -21.65 13.22
CA LEU B 63 -12.60 -20.59 12.22
C LEU B 63 -13.21 -19.29 12.76
N VAL B 64 -12.41 -18.23 12.79
CA VAL B 64 -12.83 -16.97 13.39
C VAL B 64 -12.61 -15.85 12.38
N LEU B 65 -13.61 -14.98 12.24
CA LEU B 65 -13.55 -13.80 11.39
C LEU B 65 -13.90 -12.56 12.20
N TRP B 66 -13.17 -11.48 11.95
CA TRP B 66 -13.48 -10.19 12.58
C TRP B 66 -12.86 -9.09 11.71
N GLN B 67 -13.01 -7.84 12.16
CA GLN B 67 -12.54 -6.69 11.41
C GLN B 67 -12.06 -5.63 12.40
N GLU B 68 -10.87 -5.09 12.15
CA GLU B 68 -10.30 -4.13 13.10
C GLU B 68 -10.61 -2.70 12.70
N GLU B 69 -10.06 -2.23 11.57
CA GLU B 69 -10.34 -0.90 11.08
C GLU B 69 -11.01 -0.94 9.71
N THR B 70 -10.36 -1.55 8.72
CA THR B 70 -10.93 -1.76 7.40
C THR B 70 -10.53 -3.10 6.80
N LEU B 71 -9.79 -3.92 7.53
CA LEU B 71 -9.32 -5.21 7.07
C LEU B 71 -10.10 -6.31 7.77
N ILE B 72 -10.34 -7.41 7.06
CA ILE B 72 -11.08 -8.55 7.57
C ILE B 72 -10.10 -9.66 7.87
N ARG B 73 -10.00 -10.04 9.14
CA ARG B 73 -9.03 -11.02 9.60
C ARG B 73 -9.64 -12.41 9.58
N ILE B 74 -8.93 -13.36 8.97
CA ILE B 74 -9.36 -14.74 8.91
C ILE B 74 -8.29 -15.58 9.58
N GLU B 75 -8.64 -16.22 10.69
CA GLU B 75 -7.69 -17.03 11.46
C GLU B 75 -8.36 -18.31 11.93
N VAL B 76 -7.58 -19.39 11.99
CA VAL B 76 -8.03 -20.66 12.52
C VAL B 76 -7.29 -20.94 13.82
N TYR B 77 -8.03 -21.24 14.88
CA TYR B 77 -7.48 -21.46 16.21
C TYR B 77 -7.81 -22.86 16.70
N PRO B 78 -6.90 -23.50 17.43
CA PRO B 78 -7.20 -24.84 17.97
C PRO B 78 -8.27 -24.77 19.03
N ASP B 79 -9.01 -25.88 19.18
CA ASP B 79 -10.03 -25.95 20.20
C ASP B 79 -9.41 -26.20 21.58
N LYS B 80 -10.01 -25.58 22.60
CA LYS B 80 -9.43 -25.63 23.93
C LYS B 80 -9.65 -27.00 24.60
N SER B 81 -10.47 -27.86 24.00
CA SER B 81 -10.81 -29.15 24.60
C SER B 81 -10.28 -30.33 23.82
N GLU B 82 -10.53 -30.37 22.51
CA GLU B 82 -10.16 -31.52 21.68
C GLU B 82 -9.17 -31.14 20.58
N GLY B 83 -8.48 -30.02 20.74
CA GLY B 83 -7.50 -29.57 19.77
C GLY B 83 -6.09 -30.00 20.13
N ILE B 84 -5.16 -29.67 19.23
CA ILE B 84 -3.75 -29.95 19.47
C ILE B 84 -3.25 -29.09 20.61
N SER B 85 -2.22 -29.57 21.31
CA SER B 85 -1.65 -28.86 22.44
C SER B 85 -0.18 -28.50 22.28
N ALA B 86 0.52 -29.10 21.33
CA ALA B 86 1.93 -28.82 21.11
C ALA B 86 2.10 -27.68 20.11
N THR B 87 3.26 -27.02 20.18
CA THR B 87 3.61 -25.93 19.29
C THR B 87 4.62 -26.42 18.27
N PHE B 88 4.30 -26.29 16.99
CA PHE B 88 5.16 -26.69 15.89
C PHE B 88 5.81 -25.47 15.26
N GLN B 89 6.51 -25.68 14.15
CA GLN B 89 7.05 -24.57 13.37
C GLN B 89 5.93 -23.89 12.60
N HIS B 90 6.16 -22.62 12.25
CA HIS B 90 5.18 -21.81 11.53
C HIS B 90 3.85 -21.76 12.28
N GLN B 91 3.91 -21.39 13.55
CA GLN B 91 2.73 -21.37 14.41
C GLN B 91 3.07 -20.60 15.68
N ASN B 92 2.10 -19.79 16.14
CA ASN B 92 2.27 -19.09 17.39
C ASN B 92 2.22 -20.08 18.56
N TYR B 93 2.45 -19.56 19.76
CA TYR B 93 2.43 -20.40 20.95
C TYR B 93 1.00 -20.85 21.25
N ASN B 94 0.85 -22.13 21.57
CA ASN B 94 -0.45 -22.75 21.81
C ASN B 94 -0.71 -22.77 23.31
N PHE B 95 -1.28 -21.67 23.81
CA PHE B 95 -1.54 -21.51 25.24
C PHE B 95 -3.04 -21.32 25.47
N SER B 96 -3.57 -22.04 26.46
CA SER B 96 -4.98 -21.96 26.82
C SER B 96 -5.12 -21.19 28.12
N ASP B 97 -5.86 -20.09 28.08
CA ASP B 97 -6.06 -19.24 29.24
C ASP B 97 -7.43 -19.46 29.84
N ALA B 98 -7.63 -18.91 31.04
CA ALA B 98 -8.89 -19.03 31.77
C ALA B 98 -9.80 -17.88 31.35
N SER B 99 -10.53 -18.10 30.26
CA SER B 99 -11.45 -17.10 29.74
C SER B 99 -12.63 -17.81 29.10
N THR B 100 -13.61 -17.01 28.67
CA THR B 100 -14.78 -17.54 28.00
C THR B 100 -14.48 -18.03 26.59
N ARG B 101 -13.29 -17.73 26.07
CA ARG B 101 -12.93 -18.19 24.73
C ARG B 101 -12.94 -19.71 24.66
N GLU B 102 -13.40 -20.24 23.54
CA GLU B 102 -13.41 -21.67 23.31
C GLU B 102 -12.21 -22.13 22.48
N TRP B 103 -11.27 -21.25 22.16
CA TRP B 103 -10.12 -21.58 21.35
C TRP B 103 -8.85 -21.07 22.02
N THR B 104 -7.74 -21.75 21.75
CA THR B 104 -6.44 -21.36 22.26
C THR B 104 -5.87 -20.23 21.40
N SER B 105 -4.58 -19.93 21.59
CA SER B 105 -3.92 -18.85 20.85
C SER B 105 -2.88 -19.36 19.87
N GLY B 106 -2.90 -20.64 19.54
CA GLY B 106 -1.93 -21.21 18.63
C GLY B 106 -2.36 -21.25 17.18
N ASN B 107 -2.57 -20.10 16.58
CA ASN B 107 -3.00 -20.05 15.19
C ASN B 107 -1.83 -20.34 14.26
N PRO B 108 -1.90 -21.36 13.40
CA PRO B 108 -0.82 -21.59 12.43
C PRO B 108 -0.66 -20.41 11.49
N ALA B 109 0.59 -20.12 11.15
CA ALA B 109 0.91 -19.04 10.21
C ALA B 109 0.84 -19.59 8.80
N LEU B 110 -0.36 -19.58 8.22
CA LEU B 110 -0.57 -20.17 6.90
C LEU B 110 0.07 -19.34 5.79
N GLU B 111 0.35 -18.07 6.04
CA GLU B 111 0.93 -17.22 4.99
C GLU B 111 2.34 -17.67 4.64
N ASN B 112 3.13 -18.06 5.63
CA ASN B 112 4.49 -18.53 5.37
C ASN B 112 4.47 -19.80 4.54
N THR B 113 5.41 -19.90 3.60
CA THR B 113 5.44 -21.01 2.66
C THR B 113 6.66 -21.89 2.91
N PRO B 114 6.52 -23.02 3.58
CA PRO B 114 7.64 -23.96 3.70
C PRO B 114 7.89 -24.67 2.38
N THR B 115 9.00 -25.40 2.34
CA THR B 115 9.38 -26.12 1.12
C THR B 115 8.36 -27.19 0.77
N VAL B 116 7.80 -27.87 1.78
CA VAL B 116 6.80 -28.89 1.53
C VAL B 116 5.60 -28.29 0.81
N PHE B 117 5.21 -27.08 1.19
CA PHE B 117 4.16 -26.36 0.48
C PHE B 117 4.55 -26.16 -0.98
N GLY B 118 3.78 -26.75 -1.89
CA GLY B 118 4.08 -26.64 -3.30
C GLY B 118 3.93 -25.20 -3.78
N ARG B 119 4.81 -24.82 -4.72
CA ARG B 119 4.75 -23.47 -5.28
C ARG B 119 3.44 -23.25 -6.04
N ASN B 120 3.04 -24.23 -6.84
CA ASN B 120 1.75 -24.14 -7.53
C ASN B 120 0.59 -24.22 -6.54
N LEU B 121 0.73 -25.07 -5.51
CA LEU B 121 -0.32 -25.19 -4.51
C LEU B 121 -0.49 -23.90 -3.72
N TRP B 122 0.61 -23.22 -3.41
CA TRP B 122 0.52 -21.97 -2.67
C TRP B 122 -0.22 -20.90 -3.48
N GLY B 123 0.20 -20.68 -4.72
CA GLY B 123 -0.48 -19.71 -5.56
C GLY B 123 -0.42 -18.31 -4.98
N LEU B 124 -1.56 -17.63 -4.99
CA LEU B 124 -1.66 -16.28 -4.47
C LEU B 124 -2.96 -16.14 -3.68
N GLU B 125 -2.99 -15.14 -2.80
CA GLU B 125 -4.15 -14.92 -1.94
C GLU B 125 -5.21 -14.10 -2.67
N PRO B 126 -6.44 -14.59 -2.78
CA PRO B 126 -7.49 -13.81 -3.45
C PRO B 126 -7.98 -12.65 -2.60
N GLU B 127 -9.02 -11.96 -3.06
CA GLU B 127 -9.58 -10.79 -2.37
C GLU B 127 -10.97 -11.02 -1.82
N ALA B 128 -11.79 -11.84 -2.48
CA ALA B 128 -13.13 -12.13 -1.99
C ALA B 128 -13.06 -12.96 -0.71
N LEU B 129 -14.05 -12.75 0.17
CA LEU B 129 -14.04 -13.43 1.45
C LEU B 129 -14.14 -14.95 1.29
N LEU B 130 -15.02 -15.42 0.41
CA LEU B 130 -15.19 -16.86 0.23
C LEU B 130 -13.94 -17.49 -0.36
N ASP B 131 -13.34 -16.84 -1.37
CA ASP B 131 -12.11 -17.36 -1.96
C ASP B 131 -10.98 -17.38 -0.94
N ARG B 132 -10.88 -16.32 -0.13
CA ARG B 132 -9.88 -16.28 0.92
C ARG B 132 -10.09 -17.41 1.92
N ILE B 133 -11.35 -17.70 2.26
CA ILE B 133 -11.64 -18.77 3.20
C ILE B 133 -11.20 -20.12 2.62
N SER B 134 -11.51 -20.36 1.35
CA SER B 134 -11.10 -21.60 0.72
C SER B 134 -9.57 -21.73 0.69
N TRP B 135 -8.89 -20.64 0.37
CA TRP B 135 -7.43 -20.62 0.35
C TRP B 135 -6.87 -20.97 1.73
N ARG B 136 -7.41 -20.33 2.77
CA ARG B 136 -6.94 -20.59 4.13
C ARG B 136 -7.18 -22.03 4.54
N LEU B 137 -8.33 -22.60 4.18
CA LEU B 137 -8.62 -23.97 4.58
C LEU B 137 -7.68 -24.96 3.88
N SER B 138 -7.43 -24.75 2.58
CA SER B 138 -6.49 -25.63 1.88
C SER B 138 -5.09 -25.54 2.49
N ARG B 139 -4.65 -24.32 2.80
CA ARG B 139 -3.33 -24.16 3.41
C ARG B 139 -3.29 -24.81 4.78
N LEU B 140 -4.39 -24.74 5.54
CA LEU B 140 -4.45 -25.39 6.84
C LEU B 140 -4.31 -26.91 6.71
N LEU B 141 -4.99 -27.49 5.72
CA LEU B 141 -4.88 -28.93 5.51
C LEU B 141 -3.45 -29.33 5.18
N LEU B 142 -2.79 -28.58 4.30
CA LEU B 142 -1.39 -28.86 4.00
C LEU B 142 -0.52 -28.72 5.23
N TRP B 143 -0.75 -27.66 6.02
CA TRP B 143 0.03 -27.44 7.23
C TRP B 143 -0.11 -28.58 8.21
N ILE B 144 -1.34 -29.06 8.42
CA ILE B 144 -1.54 -30.09 9.42
C ILE B 144 -0.94 -31.42 8.98
N ASP B 145 -1.06 -31.77 7.69
CA ASP B 145 -0.43 -33.02 7.27
C ASP B 145 1.09 -32.93 7.35
N ALA B 146 1.66 -31.77 6.98
CA ALA B 146 3.10 -31.62 7.09
C ALA B 146 3.57 -31.70 8.54
N ALA B 147 2.83 -31.07 9.46
CA ALA B 147 3.20 -31.13 10.87
C ALA B 147 3.08 -32.55 11.41
N ALA B 148 2.10 -33.31 10.94
CA ALA B 148 2.00 -34.71 11.32
C ALA B 148 3.21 -35.49 10.84
N GLN B 149 3.69 -35.18 9.63
CA GLN B 149 4.88 -35.86 9.12
C GLN B 149 6.18 -35.34 9.73
N GLU B 150 6.13 -34.27 10.54
CA GLU B 150 7.32 -33.63 11.09
C GLU B 150 8.27 -33.18 9.99
N LYS B 151 7.72 -32.67 8.89
CA LYS B 151 8.50 -32.17 7.77
C LYS B 151 8.28 -30.68 7.55
N LEU B 152 7.82 -29.95 8.56
CA LEU B 152 7.61 -28.52 8.40
C LEU B 152 8.92 -27.80 8.13
N ALA B 153 9.99 -28.21 8.80
CA ALA B 153 11.33 -27.67 8.58
C ALA B 153 12.19 -28.76 7.95
N THR B 154 12.67 -28.51 6.73
CA THR B 154 13.46 -29.47 5.99
C THR B 154 14.75 -28.82 5.51
N THR B 155 15.52 -29.57 4.73
CA THR B 155 16.81 -29.08 4.26
C THR B 155 16.64 -27.86 3.36
N GLY B 156 17.48 -26.85 3.60
CA GLY B 156 17.45 -25.63 2.83
C GLY B 156 16.67 -24.49 3.47
N ASP B 157 15.80 -24.80 4.42
CA ASP B 157 15.03 -23.77 5.10
C ASP B 157 15.89 -23.06 6.13
N ALA B 158 15.51 -21.81 6.42
CA ALA B 158 16.17 -21.04 7.46
C ALA B 158 15.73 -21.52 8.84
N VAL B 159 16.67 -21.53 9.78
CA VAL B 159 16.40 -21.94 11.15
C VAL B 159 15.79 -20.77 11.90
N GLU B 160 14.46 -20.74 11.98
CA GLU B 160 13.78 -19.69 12.73
C GLU B 160 13.68 -20.07 14.19
N LEU B 161 13.94 -19.10 15.07
CA LEU B 161 13.88 -19.35 16.50
C LEU B 161 12.45 -19.62 16.94
N PRO B 162 12.26 -20.43 17.97
CA PRO B 162 10.90 -20.70 18.46
C PRO B 162 10.27 -19.47 19.07
N ALA B 163 8.93 -19.46 19.05
CA ALA B 163 8.18 -18.34 19.62
C ALA B 163 8.21 -18.42 21.14
N PHE B 164 8.58 -17.31 21.76
CA PHE B 164 8.73 -17.26 23.21
C PHE B 164 7.53 -16.58 23.84
N PRO B 165 6.77 -17.29 24.69
CA PRO B 165 5.57 -16.68 25.27
C PRO B 165 5.90 -15.50 26.16
N ASP B 166 5.06 -14.47 26.08
CA ASP B 166 5.15 -13.28 26.92
C ASP B 166 6.54 -12.65 26.87
N GLN B 167 6.91 -12.19 25.68
CA GLN B 167 8.15 -11.48 25.46
C GLN B 167 7.86 -9.99 25.34
N SER B 168 8.50 -9.19 26.19
CA SER B 168 8.25 -7.76 26.20
C SER B 168 8.71 -7.15 24.88
N PRO B 169 7.89 -6.38 24.20
CA PRO B 169 8.27 -5.79 22.91
C PRO B 169 9.08 -4.50 23.00
N PHE B 170 9.63 -4.17 24.17
CA PHE B 170 10.36 -2.91 24.34
C PHE B 170 11.83 -3.14 24.67
N THR B 171 12.15 -4.16 25.47
CA THR B 171 13.52 -4.37 25.90
C THR B 171 14.26 -5.25 24.90
N VAL B 172 15.48 -4.86 24.55
CA VAL B 172 16.36 -5.61 23.65
C VAL B 172 17.77 -5.60 24.23
N ILE B 173 18.47 -6.72 24.08
CA ILE B 173 19.86 -6.86 24.49
C ILE B 173 20.70 -7.09 23.25
N GLY B 174 21.79 -6.34 23.13
CA GLY B 174 22.66 -6.41 21.96
C GLY B 174 24.00 -7.07 22.29
N PHE B 175 24.48 -7.89 21.35
CA PHE B 175 25.78 -8.53 21.50
C PHE B 175 26.43 -8.63 20.13
N SER B 176 27.73 -8.90 20.13
CA SER B 176 28.52 -9.00 18.92
C SER B 176 29.27 -10.32 18.93
N GLU B 177 28.88 -11.25 18.07
CA GLU B 177 29.54 -12.55 17.96
C GLU B 177 29.82 -12.83 16.49
N GLN B 178 31.07 -13.18 16.19
CA GLN B 178 31.51 -13.43 14.82
C GLN B 178 31.88 -14.89 14.64
N ILE B 179 32.30 -15.23 13.43
CA ILE B 179 32.68 -16.61 13.13
C ILE B 179 33.96 -16.98 13.85
N ASP B 180 34.88 -16.03 13.99
CA ASP B 180 36.18 -16.33 14.60
C ASP B 180 36.09 -16.58 16.10
N ASP B 181 34.97 -16.23 16.73
CA ASP B 181 34.83 -16.43 18.16
C ASP B 181 34.26 -17.79 18.53
N LEU B 182 33.90 -18.61 17.54
CA LEU B 182 33.37 -19.94 17.85
C LEU B 182 34.38 -20.83 18.57
N PRO B 183 35.64 -20.96 18.12
CA PRO B 183 36.57 -21.85 18.85
C PRO B 183 36.80 -21.44 20.29
N PHE B 184 36.74 -20.15 20.59
CA PHE B 184 36.95 -19.70 21.96
C PHE B 184 35.87 -20.26 22.89
N TRP B 185 34.61 -20.27 22.43
CA TRP B 185 33.53 -20.78 23.25
C TRP B 185 33.33 -22.28 23.09
N ALA B 186 33.94 -22.91 22.08
CA ALA B 186 33.71 -24.33 21.84
C ALA B 186 34.25 -25.18 22.97
N SER B 187 35.30 -24.72 23.66
CA SER B 187 35.92 -25.49 24.70
C SER B 187 35.34 -25.22 26.09
N LYS B 188 34.31 -24.38 26.19
CA LYS B 188 33.73 -24.01 27.48
C LYS B 188 32.30 -24.50 27.65
N THR B 189 31.99 -25.67 27.09
CA THR B 189 30.66 -26.24 27.20
C THR B 189 30.41 -26.74 28.61
N GLY B 190 29.42 -26.16 29.28
CA GLY B 190 29.09 -26.54 30.63
C GLY B 190 29.68 -25.67 31.72
N GLU B 191 30.37 -24.59 31.36
CA GLU B 191 30.95 -23.68 32.33
C GLU B 191 30.09 -22.43 32.45
N TRP B 192 30.30 -21.67 33.52
CA TRP B 192 29.51 -20.49 33.80
C TRP B 192 30.40 -19.38 34.35
N GLY B 193 29.91 -18.15 34.25
CA GLY B 193 30.64 -17.00 34.72
C GLY B 193 29.75 -15.78 34.74
N PHE B 194 30.37 -14.63 34.94
CA PHE B 194 29.66 -13.37 35.02
C PHE B 194 29.85 -12.57 33.73
N ALA B 195 29.06 -11.51 33.60
CA ALA B 195 29.12 -10.64 32.44
C ALA B 195 28.62 -9.25 32.83
N SER B 196 28.97 -8.27 32.01
CA SER B 196 28.61 -6.88 32.26
C SER B 196 27.95 -6.27 31.03
N SER B 197 27.14 -5.23 31.26
CA SER B 197 26.36 -4.62 30.20
C SER B 197 26.27 -3.11 30.44
N THR B 198 25.95 -2.38 29.37
CA THR B 198 25.86 -0.93 29.40
C THR B 198 24.62 -0.50 28.62
N GLY B 199 23.95 0.54 29.13
CA GLY B 199 22.74 1.03 28.47
C GLY B 199 23.07 2.03 27.37
N LEU B 200 22.35 1.90 26.25
CA LEU B 200 22.58 2.78 25.11
C LEU B 200 22.12 4.19 25.44
N PRO B 201 22.95 5.21 25.20
CA PRO B 201 22.55 6.58 25.53
C PRO B 201 21.52 7.11 24.54
N GLY B 202 20.41 7.61 25.07
CA GLY B 202 19.38 8.21 24.26
C GLY B 202 18.33 7.25 23.73
N ALA B 203 18.61 5.95 23.72
CA ALA B 203 17.64 4.97 23.25
C ALA B 203 16.67 4.63 24.38
N HIS B 204 15.62 3.90 24.01
CA HIS B 204 14.54 3.55 24.94
C HIS B 204 14.54 2.04 25.13
N GLY B 205 14.91 1.60 26.33
CA GLY B 205 14.88 0.18 26.67
C GLY B 205 15.81 -0.70 25.88
N THR B 206 17.08 -0.30 25.72
CA THR B 206 18.06 -1.09 25.01
C THR B 206 19.35 -1.17 25.80
N LEU B 207 19.94 -2.36 25.87
CA LEU B 207 21.21 -2.60 26.53
C LEU B 207 22.08 -3.44 25.62
N PHE B 208 23.39 -3.39 25.85
CA PHE B 208 24.30 -4.24 25.10
C PHE B 208 25.41 -4.76 26.01
N LEU B 209 25.94 -5.92 25.66
CA LEU B 209 26.97 -6.58 26.45
C LEU B 209 28.34 -6.00 26.15
N ARG B 210 29.20 -5.97 27.17
CA ARG B 210 30.51 -5.34 27.04
C ARG B 210 31.67 -6.30 27.24
N GLU B 211 31.70 -7.04 28.35
CA GLU B 211 32.83 -7.89 28.66
C GLU B 211 32.36 -9.15 29.37
N PHE B 212 33.16 -10.21 29.24
CA PHE B 212 32.88 -11.51 29.83
C PHE B 212 33.93 -11.83 30.88
N LEU B 213 33.48 -12.37 32.01
CA LEU B 213 34.34 -12.72 33.13
C LEU B 213 34.26 -14.22 33.37
N ASP B 214 34.86 -14.66 34.48
CA ASP B 214 34.84 -16.05 34.89
C ASP B 214 34.29 -16.17 36.31
N ASN B 215 34.46 -17.37 36.88
CA ASN B 215 33.85 -17.66 38.18
C ASN B 215 34.38 -16.73 39.27
N LYS B 216 35.67 -16.46 39.28
CA LYS B 216 36.28 -15.61 40.29
C LYS B 216 36.34 -14.14 39.89
N GLY B 217 35.81 -13.78 38.72
CA GLY B 217 35.80 -12.39 38.30
C GLY B 217 37.07 -11.94 37.62
N LYS B 218 37.54 -12.71 36.64
CA LYS B 218 38.72 -12.37 35.86
C LYS B 218 38.34 -12.26 34.39
N LEU B 219 38.78 -11.18 33.75
CA LEU B 219 38.43 -10.91 32.36
C LEU B 219 38.94 -12.03 31.45
N ILE B 220 38.09 -12.44 30.51
CA ILE B 220 38.48 -13.41 29.50
C ILE B 220 38.21 -12.96 28.08
N ARG B 221 37.35 -11.96 27.86
CA ARG B 221 37.08 -11.48 26.51
C ARG B 221 36.42 -10.11 26.60
N THR B 222 36.79 -9.23 25.68
CA THR B 222 36.21 -7.89 25.57
C THR B 222 35.66 -7.70 24.18
N THR B 223 34.55 -6.97 24.08
CA THR B 223 33.90 -6.68 22.81
C THR B 223 34.23 -5.26 22.38
N LYS B 224 34.50 -5.09 21.09
CA LYS B 224 34.92 -3.81 20.55
C LYS B 224 33.72 -3.07 19.95
N TRP B 225 33.49 -1.84 20.41
CA TRP B 225 32.36 -1.04 19.99
C TRP B 225 32.88 0.28 19.43
N SER B 226 31.97 1.05 18.83
CA SER B 226 32.31 2.36 18.31
C SER B 226 32.65 3.31 19.46
N PRO B 227 33.41 4.37 19.19
CA PRO B 227 33.80 5.28 20.28
C PRO B 227 32.62 5.89 21.03
N PHE B 228 31.48 6.05 20.36
CA PHE B 228 30.29 6.56 21.04
C PHE B 228 29.81 5.58 22.11
N MET B 229 29.83 4.28 21.80
CA MET B 229 29.36 3.27 22.74
C MET B 229 30.37 2.95 23.83
N ARG B 230 31.67 3.08 23.53
CA ARG B 230 32.70 2.71 24.49
C ARG B 230 32.69 3.58 25.74
N LYS B 231 32.28 4.85 25.60
CA LYS B 231 32.28 5.77 26.73
C LYS B 231 31.00 5.55 27.53
N GLY B 232 31.04 4.54 28.39
CA GLY B 232 29.88 4.23 29.22
C GLY B 232 30.29 3.42 30.43
N ALA B 233 29.39 3.37 31.39
CA ALA B 233 29.63 2.64 32.63
C ALA B 233 29.29 1.17 32.44
N ARG B 234 30.12 0.30 33.01
CA ARG B 234 29.91 -1.14 32.94
C ARG B 234 29.48 -1.65 34.31
N THR B 235 28.37 -2.39 34.34
CA THR B 235 27.85 -2.97 35.57
C THR B 235 27.70 -4.47 35.37
N THR B 236 28.28 -5.26 36.27
CA THR B 236 28.23 -6.72 36.19
C THR B 236 26.93 -7.19 36.80
N ASN B 237 25.92 -7.43 35.95
CA ASN B 237 24.61 -7.87 36.40
C ASN B 237 24.06 -8.96 35.48
N ALA B 238 24.89 -9.93 35.14
CA ALA B 238 24.47 -11.02 34.28
C ALA B 238 25.30 -12.26 34.55
N VAL B 239 24.77 -13.41 34.16
CA VAL B 239 25.45 -14.69 34.31
C VAL B 239 25.29 -15.45 32.99
N TRP B 240 26.40 -15.99 32.48
CA TRP B 240 26.38 -16.71 31.22
C TRP B 240 26.63 -18.19 31.47
N SER B 241 26.16 -19.01 30.54
CA SER B 241 26.38 -20.45 30.59
C SER B 241 26.24 -21.02 29.19
N VAL B 242 27.19 -21.85 28.79
CA VAL B 242 27.24 -22.40 27.45
C VAL B 242 26.57 -23.76 27.45
N LEU B 243 25.64 -23.96 26.52
CA LEU B 243 24.89 -25.18 26.38
C LEU B 243 25.26 -25.89 25.09
N PRO B 244 25.12 -27.21 25.02
CA PRO B 244 25.48 -27.91 23.78
C PRO B 244 24.59 -27.56 22.60
N THR B 245 23.29 -27.38 22.81
CA THR B 245 22.36 -27.13 21.72
C THR B 245 21.34 -26.08 22.13
N LEU B 246 20.34 -25.88 21.28
CA LEU B 246 19.30 -24.89 21.52
C LEU B 246 18.27 -25.45 22.49
N PRO B 247 17.96 -24.75 23.59
CA PRO B 247 16.98 -25.28 24.54
C PRO B 247 15.55 -25.19 24.05
N VAL B 248 15.15 -26.17 23.24
CA VAL B 248 13.80 -26.21 22.67
C VAL B 248 13.18 -27.56 22.98
N LEU B 249 11.93 -27.54 23.43
CA LEU B 249 11.20 -28.77 23.69
C LEU B 249 10.56 -29.30 22.42
N ALA B 250 10.23 -30.59 22.44
CA ALA B 250 9.66 -31.22 21.26
C ALA B 250 8.23 -30.75 21.03
N PRO B 251 7.83 -30.48 19.77
CA PRO B 251 8.72 -30.50 18.59
C PRO B 251 9.50 -29.20 18.42
N TRP B 252 8.85 -28.06 18.64
CA TRP B 252 9.51 -26.76 18.56
C TRP B 252 9.01 -25.82 19.65
N GLN B 253 8.66 -26.37 20.80
CA GLN B 253 8.06 -25.59 21.87
C GLN B 253 9.12 -24.98 22.78
N ALA B 254 9.05 -23.68 22.96
CA ALA B 254 9.93 -23.03 23.92
C ALA B 254 9.46 -23.33 25.34
N PRO B 255 10.37 -23.59 26.27
CA PRO B 255 9.97 -23.81 27.66
C PRO B 255 9.25 -22.59 28.23
N ARG B 256 8.20 -22.84 29.00
CA ARG B 256 7.39 -21.78 29.57
C ARG B 256 7.56 -21.63 31.08
N THR B 257 7.78 -22.73 31.79
CA THR B 257 7.98 -22.72 33.23
C THR B 257 9.37 -23.22 33.57
N TRP B 258 9.79 -22.95 34.80
CA TRP B 258 11.13 -23.35 35.24
C TRP B 258 11.30 -24.86 35.21
N GLN B 259 10.22 -25.61 35.44
CA GLN B 259 10.31 -27.06 35.42
C GLN B 259 10.65 -27.57 34.02
N GLU B 260 10.06 -26.98 32.98
CA GLU B 260 10.38 -27.39 31.62
C GLU B 260 11.83 -27.04 31.28
N LEU B 261 12.32 -25.89 31.74
CA LEU B 261 13.72 -25.54 31.52
C LEU B 261 14.64 -26.55 32.20
N SER B 262 14.30 -26.94 33.43
CA SER B 262 15.09 -27.95 34.13
C SER B 262 15.06 -29.28 33.40
N HIS B 263 13.90 -29.65 32.86
CA HIS B 263 13.79 -30.89 32.09
C HIS B 263 14.68 -30.84 30.84
N CYS B 264 14.69 -29.70 30.15
CA CYS B 264 15.55 -29.57 28.98
C CYS B 264 17.03 -29.62 29.37
N PHE B 265 17.38 -29.01 30.50
CA PHE B 265 18.75 -29.09 31.00
C PHE B 265 19.15 -30.53 31.27
N ALA B 266 18.27 -31.29 31.94
CA ALA B 266 18.56 -32.69 32.22
C ALA B 266 18.70 -33.49 30.94
N GLN B 267 17.85 -33.21 29.95
CA GLN B 267 17.98 -33.89 28.66
C GLN B 267 19.33 -33.59 28.02
N CYS B 268 19.77 -32.33 28.10
CA CYS B 268 21.09 -31.97 27.55
C CYS B 268 22.20 -32.71 28.29
N GLY B 269 22.10 -32.78 29.62
CA GLY B 269 23.11 -33.45 30.41
C GLY B 269 23.70 -32.58 31.50
N LEU B 270 22.94 -31.57 31.92
CA LEU B 270 23.36 -30.63 32.94
C LEU B 270 22.28 -30.57 34.02
N SER B 271 22.54 -29.75 35.05
CA SER B 271 21.63 -29.64 36.19
C SER B 271 21.43 -28.17 36.52
N LEU B 272 20.18 -27.70 36.38
CA LEU B 272 19.86 -26.32 36.75
C LEU B 272 20.04 -26.05 38.24
N PRO B 273 19.53 -26.88 39.17
CA PRO B 273 19.70 -26.56 40.60
C PRO B 273 21.16 -26.49 41.03
N ASP B 274 22.02 -27.35 40.48
CA ASP B 274 23.45 -27.28 40.80
C ASP B 274 24.04 -25.96 40.34
N LEU B 275 23.66 -25.51 39.14
CA LEU B 275 24.13 -24.23 38.64
C LEU B 275 23.67 -23.09 39.55
N PHE B 276 22.41 -23.13 39.99
CA PHE B 276 21.91 -22.07 40.85
C PHE B 276 22.62 -22.06 42.19
N SER B 277 22.88 -23.25 42.75
CA SER B 277 23.62 -23.33 44.01
C SER B 277 25.03 -22.78 43.86
N ASP B 278 25.70 -23.12 42.76
CA ASP B 278 27.04 -22.60 42.52
C ASP B 278 27.03 -21.08 42.38
N ILE B 279 26.04 -20.54 41.67
CA ILE B 279 25.94 -19.10 41.51
C ILE B 279 25.75 -18.43 42.86
N GLY B 280 24.86 -18.98 43.70
CA GLY B 280 24.65 -18.41 45.02
C GLY B 280 25.89 -18.46 45.88
N ARG B 281 26.59 -19.60 45.86
CA ARG B 281 27.81 -19.74 46.64
C ARG B 281 28.88 -18.75 46.21
N SER B 282 29.07 -18.60 44.89
CA SER B 282 30.08 -17.68 44.39
C SER B 282 29.69 -16.24 44.66
N VAL B 283 28.39 -15.93 44.64
CA VAL B 283 27.94 -14.60 45.01
C VAL B 283 28.27 -14.32 46.46
N ARG B 284 28.07 -15.31 47.34
CA ARG B 284 28.43 -15.14 48.74
C ARG B 284 29.93 -14.93 48.90
N ALA B 285 30.74 -15.67 48.14
CA ALA B 285 32.19 -15.59 48.28
C ALA B 285 32.71 -14.20 47.93
N LEU B 286 32.21 -13.61 46.85
CA LEU B 286 32.68 -12.32 46.36
C LEU B 286 31.83 -11.22 46.99
N ARG B 287 32.48 -10.37 47.79
CA ARG B 287 31.76 -9.28 48.45
C ARG B 287 31.38 -8.18 47.47
N LYS B 288 32.19 -7.96 46.43
CA LYS B 288 31.90 -6.89 45.48
C LYS B 288 30.60 -7.18 44.72
N GLN B 289 30.37 -8.43 44.34
CA GLN B 289 29.18 -8.79 43.59
C GLN B 289 27.94 -8.62 44.46
N ARG B 290 26.91 -8.00 43.88
CA ARG B 290 25.65 -7.77 44.59
C ARG B 290 24.62 -8.86 44.30
N ALA B 291 24.01 -8.80 43.12
CA ALA B 291 23.17 -9.88 42.65
C ALA B 291 23.05 -9.82 41.14
N PRO B 292 23.18 -10.96 40.48
CA PRO B 292 22.84 -11.05 39.07
C PRO B 292 21.34 -10.86 38.85
N GLY B 293 20.99 -10.32 37.68
CA GLY B 293 19.61 -10.05 37.38
C GLY B 293 19.16 -10.63 36.06
N LEU B 294 20.12 -11.14 35.29
CA LEU B 294 19.84 -11.72 33.98
C LEU B 294 20.64 -13.00 33.81
N LEU B 295 20.08 -13.93 33.05
CA LEU B 295 20.74 -15.20 32.76
C LEU B 295 20.87 -15.35 31.25
N LEU B 296 22.09 -15.60 30.79
CA LEU B 296 22.40 -15.71 29.37
C LEU B 296 22.74 -17.15 29.04
N LEU B 297 22.13 -17.68 27.99
CA LEU B 297 22.36 -19.06 27.55
C LEU B 297 22.94 -19.03 26.16
N GLY B 298 24.13 -19.60 25.99
CA GLY B 298 24.83 -19.62 24.72
C GLY B 298 24.81 -21.01 24.11
N PHE B 299 24.76 -21.08 22.79
CA PHE B 299 24.68 -22.34 22.08
C PHE B 299 25.08 -22.12 20.64
N PRO B 300 25.74 -23.08 20.00
CA PRO B 300 25.99 -22.97 18.56
C PRO B 300 24.69 -22.94 17.78
N LEU B 301 24.68 -22.16 16.70
CA LEU B 301 23.48 -22.00 15.89
C LEU B 301 23.85 -21.99 14.42
N GLU B 302 23.04 -22.68 13.62
CA GLU B 302 23.19 -22.69 12.17
C GLU B 302 22.35 -21.60 11.54
N ASN B 303 22.62 -21.35 10.25
CA ASN B 303 21.82 -20.42 9.48
C ASN B 303 20.83 -21.11 8.56
N LYS B 304 21.11 -22.35 8.17
CA LYS B 304 20.19 -23.15 7.38
C LYS B 304 20.20 -24.58 7.90
N ILE B 305 19.10 -25.30 7.67
CA ILE B 305 19.00 -26.68 8.13
C ILE B 305 19.84 -27.56 7.22
N GLY B 306 20.66 -28.41 7.82
CA GLY B 306 21.60 -29.24 7.09
C GLY B 306 23.02 -28.71 7.07
N ASP B 307 23.22 -27.47 7.52
CA ASP B 307 24.55 -26.88 7.60
C ASP B 307 25.14 -27.11 8.99
N GLU B 308 26.40 -26.77 9.12
CA GLU B 308 27.03 -26.95 10.41
C GLU B 308 27.13 -25.60 11.15
N PRO B 309 27.05 -25.63 12.47
CA PRO B 309 27.11 -24.37 13.23
C PRO B 309 28.41 -23.64 12.99
N ALA B 310 28.32 -22.31 12.93
CA ALA B 310 29.48 -21.46 12.72
C ALA B 310 29.49 -20.23 13.61
N ARG B 311 28.57 -20.10 14.56
CA ARG B 311 28.49 -18.92 15.40
C ARG B 311 27.76 -19.27 16.68
N ILE B 312 27.93 -18.42 17.69
CA ILE B 312 27.32 -18.61 19.00
C ILE B 312 26.23 -17.58 19.18
N HIS B 313 25.02 -18.05 19.50
CA HIS B 313 23.88 -17.18 19.74
C HIS B 313 23.51 -17.21 21.22
N TRP B 314 23.08 -16.06 21.75
CA TRP B 314 22.81 -15.92 23.17
C TRP B 314 21.35 -15.55 23.38
N LEU B 315 20.70 -16.26 24.31
CA LEU B 315 19.35 -15.98 24.74
C LEU B 315 19.35 -15.51 26.18
N ALA B 316 18.44 -14.63 26.52
CA ALA B 316 18.39 -14.02 27.84
C ALA B 316 17.02 -14.22 28.47
N LEU B 317 17.00 -14.36 29.79
CA LEU B 317 15.77 -14.43 30.56
C LEU B 317 15.98 -13.74 31.89
N ARG B 318 14.92 -13.11 32.39
CA ARG B 318 14.99 -12.37 33.64
C ARG B 318 15.04 -13.35 34.81
N LEU B 319 16.13 -13.31 35.57
CA LEU B 319 16.33 -14.24 36.68
C LEU B 319 15.78 -13.68 37.98
N GLN B 346 13.74 -22.15 42.98
CA GLN B 346 13.46 -21.49 41.71
C GLN B 346 13.38 -22.44 40.51
N PRO B 347 14.37 -23.33 40.33
CA PRO B 347 14.28 -24.26 39.18
C PRO B 347 13.07 -25.19 39.24
N LEU B 348 12.58 -25.51 40.43
CA LEU B 348 11.46 -26.43 40.59
C LEU B 348 10.11 -25.74 40.53
N SER B 349 10.07 -24.41 40.48
CA SER B 349 8.81 -23.68 40.51
C SER B 349 8.06 -23.85 39.20
N GLN B 350 6.76 -23.53 39.26
CA GLN B 350 5.90 -23.55 38.08
C GLN B 350 5.58 -22.16 37.56
N GLU B 351 6.28 -21.14 38.05
CA GLU B 351 6.03 -19.79 37.59
C GLU B 351 6.51 -19.63 36.14
N PRO B 352 5.88 -18.75 35.38
CA PRO B 352 6.35 -18.48 34.02
C PRO B 352 7.71 -17.79 34.01
N ILE B 353 8.44 -17.99 32.93
CA ILE B 353 9.75 -17.38 32.73
C ILE B 353 9.59 -16.10 31.93
N ARG B 354 10.28 -15.05 32.37
CA ARG B 354 10.30 -13.78 31.64
C ARG B 354 11.49 -13.77 30.68
N TRP B 355 11.21 -13.71 29.38
CA TRP B 355 12.25 -13.71 28.36
C TRP B 355 12.50 -12.30 27.87
N VAL B 356 13.74 -12.05 27.44
CA VAL B 356 14.15 -10.77 26.90
C VAL B 356 14.76 -10.99 25.52
N ARG B 357 14.35 -10.17 24.56
CA ARG B 357 14.81 -10.33 23.19
C ARG B 357 16.28 -9.91 23.05
N THR B 358 17.01 -10.63 22.20
CA THR B 358 18.42 -10.35 21.95
C THR B 358 18.68 -10.23 20.45
N GLN B 359 19.63 -9.38 20.10
CA GLN B 359 20.01 -9.15 18.71
C GLN B 359 21.51 -9.23 18.56
N ASN B 360 21.95 -9.73 17.41
CA ASN B 360 23.37 -9.81 17.09
C ASN B 360 23.77 -8.60 16.26
N TRP B 361 24.64 -7.75 16.82
CA TRP B 361 25.07 -6.52 16.18
C TRP B 361 26.45 -6.66 15.54
N ALA B 362 26.78 -7.82 15.00
CA ALA B 362 28.04 -8.01 14.32
C ALA B 362 28.06 -7.23 13.00
N ALA B 363 29.26 -7.01 12.49
CA ALA B 363 29.42 -6.17 11.30
C ALA B 363 28.69 -6.77 10.10
N ASP B 364 28.80 -8.07 9.89
CA ASP B 364 28.13 -8.73 8.77
C ASP B 364 26.63 -8.87 8.98
N GLN B 365 26.12 -8.60 10.19
CA GLN B 365 24.71 -8.68 10.48
C GLN B 365 24.04 -7.31 10.52
N LEU B 366 24.77 -6.24 10.24
CA LEU B 366 24.21 -4.90 10.33
C LEU B 366 23.67 -4.38 9.01
N ARG B 367 24.25 -4.77 7.88
CA ARG B 367 23.85 -4.22 6.60
C ARG B 367 23.38 -5.30 5.64
N THR B 368 22.52 -6.19 6.13
CA THR B 368 21.93 -7.23 5.27
C THR B 368 20.94 -6.66 4.25
N ARG B 369 20.60 -5.37 4.37
CA ARG B 369 19.66 -4.72 3.48
C ARG B 369 20.33 -4.03 2.30
N GLY B 370 21.65 -4.17 2.16
CA GLY B 370 22.38 -3.54 1.08
C GLY B 370 23.67 -2.88 1.52
N GLU B 371 24.77 -3.24 0.88
CA GLU B 371 26.09 -2.75 1.27
C GLU B 371 26.98 -2.66 0.04
N ALA B 372 28.07 -1.92 0.18
CA ALA B 372 29.04 -1.75 -0.89
C ALA B 372 29.94 -2.99 -0.99
N ALA B 373 30.75 -3.02 -2.05
CA ALA B 373 31.65 -4.15 -2.28
C ALA B 373 32.83 -4.10 -1.32
N ASN B 374 33.51 -5.24 -1.20
CA ASN B 374 34.61 -5.37 -0.24
C ASN B 374 35.84 -4.56 -0.62
N ASP B 375 35.98 -4.21 -1.91
CA ASP B 375 37.17 -3.48 -2.34
C ASP B 375 37.24 -2.09 -1.71
N ILE B 376 36.10 -1.41 -1.61
CA ILE B 376 36.10 -0.07 -1.05
C ILE B 376 35.84 -0.05 0.45
N ARG B 377 35.25 -1.12 1.01
CA ARG B 377 34.99 -1.17 2.43
C ARG B 377 36.24 -1.39 3.27
N SER B 378 37.33 -1.84 2.65
CA SER B 378 38.59 -2.09 3.33
C SER B 378 39.61 -0.98 3.13
N LYS B 379 39.18 0.17 2.60
CA LYS B 379 40.08 1.28 2.32
C LYS B 379 39.94 2.34 3.41
N LYS B 380 41.05 2.97 3.74
CA LYS B 380 41.04 4.16 4.58
C LYS B 380 40.87 5.39 3.70
N VAL B 381 39.85 6.18 3.97
CA VAL B 381 39.44 7.28 3.10
C VAL B 381 39.62 8.59 3.84
N LEU B 382 40.28 9.55 3.20
CA LEU B 382 40.48 10.88 3.73
C LEU B 382 39.68 11.87 2.90
N ILE B 383 38.89 12.71 3.58
CA ILE B 383 38.02 13.67 2.93
C ILE B 383 38.43 15.07 3.38
N ILE B 384 38.61 15.97 2.44
CA ILE B 384 39.02 17.34 2.72
C ILE B 384 37.81 18.24 2.54
N GLY B 385 37.40 18.92 3.60
CA GLY B 385 36.26 19.81 3.55
C GLY B 385 35.03 19.23 4.22
N ALA B 386 34.63 19.81 5.34
CA ALA B 386 33.44 19.39 6.08
C ALA B 386 32.24 20.29 5.79
N GLY B 387 32.11 20.73 4.54
CA GLY B 387 31.03 21.64 4.19
C GLY B 387 29.74 20.92 3.89
N SER B 388 29.08 21.30 2.79
CA SER B 388 27.79 20.72 2.45
C SER B 388 27.95 19.36 1.78
N LEU B 389 28.66 19.31 0.66
CA LEU B 389 28.81 18.07 -0.07
C LEU B 389 29.63 17.05 0.71
N GLY B 390 30.68 17.51 1.42
CA GLY B 390 31.56 16.59 2.11
C GLY B 390 30.87 15.81 3.21
N SER B 391 30.07 16.51 4.03
CA SER B 391 29.39 15.82 5.13
C SER B 391 28.39 14.81 4.62
N MET B 392 27.64 15.15 3.57
CA MET B 392 26.68 14.20 3.02
C MET B 392 27.38 13.00 2.41
N ILE B 393 28.49 13.21 1.71
CA ILE B 393 29.23 12.09 1.13
C ILE B 393 29.78 11.20 2.24
N ALA B 394 30.31 11.81 3.31
CA ALA B 394 30.81 11.02 4.42
C ALA B 394 29.71 10.20 5.08
N GLU B 395 28.52 10.80 5.26
CA GLU B 395 27.41 10.07 5.87
C GLU B 395 26.97 8.90 5.01
N ASN B 396 26.88 9.12 3.69
CA ASN B 396 26.52 8.03 2.79
C ASN B 396 27.55 6.92 2.82
N LEU B 397 28.84 7.28 2.81
CA LEU B 397 29.89 6.28 2.85
C LEU B 397 29.85 5.47 4.14
N MET B 398 29.62 6.14 5.27
CA MET B 398 29.52 5.44 6.54
C MET B 398 28.32 4.49 6.55
N ARG B 399 27.20 4.92 5.96
CA ARG B 399 26.02 4.06 5.95
C ARG B 399 26.15 2.89 4.99
N ILE B 400 26.98 2.99 3.94
CA ILE B 400 27.08 1.90 2.96
C ILE B 400 28.21 0.92 3.26
N GLY B 401 29.04 1.18 4.26
CA GLY B 401 30.03 0.19 4.64
C GLY B 401 31.42 0.70 4.97
N VAL B 402 31.82 1.81 4.35
CA VAL B 402 33.17 2.34 4.57
C VAL B 402 33.24 2.97 5.96
N VAL B 403 33.97 2.32 6.86
CA VAL B 403 33.97 2.70 8.26
C VAL B 403 35.26 3.40 8.68
N SER B 404 36.33 3.30 7.89
CA SER B 404 37.60 3.95 8.22
C SER B 404 37.68 5.25 7.42
N GLN B 405 37.39 6.36 8.08
CA GLN B 405 37.32 7.67 7.43
C GLN B 405 38.11 8.69 8.22
N GLY B 406 38.80 9.58 7.51
CA GLY B 406 39.51 10.68 8.11
C GLY B 406 38.96 12.01 7.61
N ILE B 407 38.53 12.85 8.54
CA ILE B 407 37.90 14.12 8.23
C ILE B 407 38.95 15.22 8.45
N LEU B 408 39.32 15.90 7.38
CA LEU B 408 40.32 16.96 7.44
C LEU B 408 39.66 18.29 7.07
N ASP B 409 39.71 19.25 7.98
CA ASP B 409 39.10 20.56 7.76
C ASP B 409 39.68 21.60 8.70
N ASN B 431 33.79 23.11 15.93
CA ASN B 431 34.50 22.81 14.69
C ASN B 431 33.68 21.86 13.82
N LYS B 432 33.73 22.08 12.50
CA LYS B 432 32.95 21.25 11.58
C LYS B 432 33.44 19.80 11.60
N ALA B 433 34.75 19.59 11.64
CA ALA B 433 35.29 18.25 11.60
C ALA B 433 34.90 17.45 12.83
N ALA B 434 34.98 18.06 14.02
CA ALA B 434 34.65 17.35 15.24
C ALA B 434 33.17 16.97 15.28
N ALA B 435 32.29 17.91 14.94
CA ALA B 435 30.87 17.62 14.94
C ALA B 435 30.53 16.54 13.92
N LEU B 436 31.14 16.61 12.73
CA LEU B 436 30.91 15.59 11.72
C LEU B 436 31.39 14.23 12.20
N VAL B 437 32.53 14.19 12.89
CA VAL B 437 33.05 12.93 13.41
C VAL B 437 32.11 12.33 14.45
N GLU B 438 31.61 13.17 15.36
CA GLU B 438 30.68 12.66 16.37
C GLU B 438 29.40 12.13 15.72
N HIS B 439 28.86 12.88 14.76
CA HIS B 439 27.65 12.43 14.07
C HIS B 439 27.89 11.13 13.33
N LEU B 440 29.05 10.98 12.70
CA LEU B 440 29.37 9.74 12.00
C LEU B 440 29.51 8.59 12.98
N ASN B 441 30.07 8.86 14.17
CA ASN B 441 30.23 7.81 15.16
C ASN B 441 28.92 7.40 15.81
N ARG B 442 27.89 8.24 15.77
CA ARG B 442 26.59 7.89 16.34
C ARG B 442 25.68 7.17 15.35
N ILE B 443 26.23 6.61 14.27
CA ILE B 443 25.40 6.07 13.20
C ILE B 443 25.18 4.57 13.37
N LEU B 444 26.26 3.82 13.45
CA LEU B 444 26.22 2.37 13.55
C LEU B 444 27.28 1.89 14.53
N PRO B 445 27.10 0.69 15.11
CA PRO B 445 28.04 0.22 16.13
C PRO B 445 29.47 0.01 15.64
N ASP B 446 29.71 -0.13 14.34
CA ASP B 446 31.05 -0.40 13.82
C ASP B 446 31.64 0.81 13.10
N ALA B 447 31.36 2.02 13.55
CA ALA B 447 31.91 3.21 12.93
C ALA B 447 33.23 3.59 13.57
N SER B 448 34.21 3.96 12.73
CA SER B 448 35.51 4.42 13.22
C SER B 448 35.93 5.64 12.40
N ALA B 449 35.60 6.83 12.91
CA ALA B 449 35.94 8.06 12.24
C ALA B 449 36.98 8.84 13.03
N ARG B 450 37.93 9.44 12.31
CA ARG B 450 39.03 10.17 12.91
C ARG B 450 39.00 11.63 12.47
N SER B 451 39.17 12.54 13.42
CA SER B 451 39.14 13.96 13.17
C SER B 451 40.57 14.52 13.09
N PHE B 452 40.69 15.71 12.53
CA PHE B 452 41.98 16.39 12.43
C PHE B 452 41.82 17.89 12.69
N GLU B 459 52.71 19.55 8.47
CA GLU B 459 53.74 20.21 9.28
C GLU B 459 54.68 19.18 9.90
N SER B 460 54.25 18.62 11.03
CA SER B 460 55.04 17.63 11.72
C SER B 460 55.16 16.37 10.88
N GLU B 461 56.29 15.67 11.02
CA GLU B 461 56.54 14.46 10.25
C GLU B 461 55.57 13.35 10.63
N VAL B 462 55.25 13.23 11.93
CA VAL B 462 54.33 12.19 12.38
C VAL B 462 52.95 12.40 11.79
N ALA B 463 52.46 13.64 11.81
CA ALA B 463 51.17 13.94 11.21
C ALA B 463 51.17 13.67 9.71
N LYS B 464 52.28 14.01 9.04
CA LYS B 464 52.37 13.75 7.61
C LYS B 464 52.30 12.27 7.31
N ASN B 465 52.98 11.44 8.12
CA ASN B 465 52.89 9.99 7.94
C ASN B 465 51.46 9.51 8.21
N SER B 466 50.82 10.04 9.25
CA SER B 466 49.45 9.66 9.54
C SER B 466 48.55 9.94 8.35
N LEU B 467 48.71 11.11 7.73
CA LEU B 467 47.98 11.39 6.49
C LEU B 467 48.39 10.45 5.37
N ARG B 468 49.65 10.03 5.30
CA ARG B 468 50.13 9.14 4.27
C ARG B 468 49.63 7.72 4.45
N GLN B 469 49.05 7.39 5.60
CA GLN B 469 48.55 6.04 5.85
C GLN B 469 47.27 5.71 5.09
N TYR B 470 46.62 6.69 4.47
CA TYR B 470 45.33 6.47 3.84
C TYR B 470 45.49 6.03 2.39
N ASP B 471 44.38 5.59 1.79
CA ASP B 471 44.38 5.04 0.43
C ASP B 471 43.65 5.88 -0.59
N VAL B 472 42.52 6.49 -0.25
CA VAL B 472 41.74 7.27 -1.19
C VAL B 472 41.65 8.68 -0.65
N ILE B 473 42.02 9.66 -1.47
CA ILE B 473 41.95 11.07 -1.11
C ILE B 473 40.86 11.71 -1.97
N ILE B 474 39.90 12.36 -1.32
CA ILE B 474 38.77 12.99 -1.99
C ILE B 474 38.74 14.46 -1.60
N ASP B 475 38.59 15.32 -2.60
CA ASP B 475 38.53 16.76 -2.40
C ASP B 475 37.11 17.26 -2.64
N CYS B 476 36.55 17.94 -1.66
CA CYS B 476 35.21 18.51 -1.76
C CYS B 476 35.19 19.92 -1.19
N THR B 477 36.22 20.70 -1.54
CA THR B 477 36.35 22.07 -1.04
C THR B 477 36.02 23.12 -2.09
N GLY B 478 36.26 22.83 -3.37
CA GLY B 478 36.03 23.83 -4.39
C GLY B 478 37.02 24.97 -4.40
N ASP B 479 38.21 24.75 -3.84
CA ASP B 479 39.24 25.78 -3.74
C ASP B 479 40.46 25.36 -4.54
N ASP B 480 41.04 26.30 -5.27
CA ASP B 480 42.23 26.02 -6.07
C ASP B 480 43.49 25.92 -5.23
N GLY B 481 43.57 26.71 -4.15
CA GLY B 481 44.73 26.62 -3.29
C GLY B 481 44.90 25.24 -2.67
N VAL B 482 43.78 24.58 -2.37
CA VAL B 482 43.86 23.22 -1.84
C VAL B 482 44.37 22.26 -2.90
N LEU B 483 43.98 22.47 -4.16
CA LEU B 483 44.53 21.63 -5.23
C LEU B 483 46.03 21.82 -5.35
N LYS B 484 46.50 23.07 -5.30
CA LYS B 484 47.93 23.33 -5.38
C LYS B 484 48.68 22.71 -4.20
N SER B 485 48.11 22.82 -2.98
CA SER B 485 48.72 22.20 -1.83
C SER B 485 48.77 20.68 -1.95
N LEU B 486 47.71 20.08 -2.49
CA LEU B 486 47.72 18.64 -2.72
C LEU B 486 48.80 18.25 -3.72
N ALA B 487 48.97 19.07 -4.77
CA ALA B 487 50.03 18.80 -5.75
C ALA B 487 51.41 18.96 -5.14
N ALA B 488 51.56 19.87 -4.19
CA ALA B 488 52.85 20.17 -3.59
C ALA B 488 53.18 19.31 -2.38
N PHE B 489 52.28 18.43 -1.95
CA PHE B 489 52.50 17.56 -0.80
C PHE B 489 53.20 16.29 -1.23
N ASP B 490 54.02 15.74 -0.34
CA ASP B 490 54.74 14.50 -0.60
C ASP B 490 54.00 13.36 0.09
N TRP B 491 53.38 12.49 -0.72
CA TRP B 491 52.63 11.36 -0.17
C TRP B 491 53.48 10.12 -0.01
N LYS B 492 54.66 10.07 -0.63
CA LYS B 492 55.64 9.00 -0.48
C LYS B 492 55.16 7.66 -1.00
N SER B 493 53.97 7.60 -1.60
CA SER B 493 53.44 6.34 -2.13
C SER B 493 52.29 6.66 -3.06
N GLU B 494 51.82 5.63 -3.76
CA GLU B 494 50.75 5.79 -4.73
C GLU B 494 49.40 5.90 -4.02
N LYS B 495 48.59 6.86 -4.46
CA LYS B 495 47.26 7.08 -3.90
C LYS B 495 46.25 7.24 -5.04
N ILE B 496 44.98 7.25 -4.69
CA ILE B 496 43.90 7.54 -5.62
C ILE B 496 43.32 8.90 -5.23
N PHE B 497 43.32 9.83 -6.18
CA PHE B 497 42.83 11.18 -5.95
C PHE B 497 41.54 11.40 -6.73
N ILE B 498 40.51 11.91 -6.04
CA ILE B 498 39.23 12.22 -6.65
C ILE B 498 38.86 13.65 -6.27
N SER B 499 38.43 14.43 -7.26
CA SER B 499 38.02 15.80 -7.05
C SER B 499 36.58 15.98 -7.53
N LEU B 500 35.74 16.56 -6.67
CA LEU B 500 34.33 16.79 -6.99
C LEU B 500 34.01 18.25 -6.68
N ALA B 501 33.24 18.89 -7.55
CA ALA B 501 32.86 20.28 -7.35
C ALA B 501 31.55 20.56 -8.08
N MET B 502 30.78 21.50 -7.54
CA MET B 502 29.51 21.93 -8.11
C MET B 502 29.68 23.26 -8.82
N THR B 503 28.81 23.51 -9.79
CA THR B 503 28.87 24.71 -10.60
C THR B 503 28.03 25.82 -9.98
N TRP B 504 27.85 26.90 -10.72
CA TRP B 504 26.98 27.98 -10.28
C TRP B 504 25.53 27.53 -10.28
N ARG B 505 24.80 27.90 -9.23
CA ARG B 505 23.40 27.53 -9.04
C ARG B 505 23.19 26.03 -8.96
N ALA B 506 24.27 25.27 -8.71
CA ALA B 506 24.19 23.82 -8.54
C ALA B 506 23.55 23.14 -9.74
N GLU B 507 23.82 23.66 -10.93
CA GLU B 507 23.28 23.09 -12.15
C GLU B 507 24.08 21.90 -12.66
N GLY B 508 25.34 21.77 -12.25
CA GLY B 508 26.19 20.73 -12.77
C GLY B 508 27.22 20.30 -11.74
N LEU B 509 28.00 19.29 -12.12
CA LEU B 509 29.00 18.70 -11.23
C LEU B 509 30.23 18.31 -12.04
N PHE B 510 31.40 18.66 -11.53
CA PHE B 510 32.67 18.23 -12.10
C PHE B 510 33.21 17.04 -11.32
N ALA B 511 33.54 15.96 -12.04
CA ALA B 511 34.08 14.76 -11.43
C ALA B 511 35.43 14.44 -12.06
N PHE B 512 36.47 14.40 -11.24
CA PHE B 512 37.83 14.14 -11.70
C PHE B 512 38.45 13.07 -10.82
N ALA B 513 39.17 12.13 -11.45
CA ALA B 513 39.78 11.02 -10.72
C ALA B 513 41.15 10.71 -11.31
N ALA B 514 42.10 10.40 -10.45
CA ALA B 514 43.43 10.02 -10.87
C ALA B 514 44.07 9.11 -9.82
N SER B 515 45.02 8.29 -10.27
CA SER B 515 45.73 7.34 -9.40
C SER B 515 47.22 7.51 -9.64
N GLU B 516 47.84 8.42 -8.90
CA GLU B 516 49.26 8.73 -9.09
C GLU B 516 49.89 9.01 -7.73
N THR B 517 51.21 9.19 -7.74
CA THR B 517 51.94 9.55 -6.53
C THR B 517 51.72 11.02 -6.17
N SER B 518 51.52 11.88 -7.17
CA SER B 518 51.23 13.28 -6.94
C SER B 518 49.97 13.66 -7.71
N PHE B 519 49.24 14.63 -7.19
CA PHE B 519 47.97 15.02 -7.78
C PHE B 519 48.20 15.93 -8.97
N PRO B 520 47.75 15.54 -10.18
CA PRO B 520 47.89 16.42 -11.35
C PRO B 520 46.87 17.54 -11.33
N VAL B 521 47.35 18.77 -11.15
CA VAL B 521 46.48 19.92 -11.00
C VAL B 521 46.19 20.60 -12.33
N THR B 522 47.18 20.65 -13.23
CA THR B 522 46.99 21.32 -14.52
C THR B 522 45.93 20.62 -15.36
N ASP B 523 45.97 19.28 -15.41
CA ASP B 523 44.98 18.54 -16.19
C ASP B 523 43.58 18.73 -15.61
N ALA B 524 43.46 18.72 -14.28
CA ALA B 524 42.17 18.93 -13.65
C ALA B 524 41.63 20.32 -13.95
N SER B 525 42.49 21.34 -13.90
CA SER B 525 42.06 22.69 -14.20
C SER B 525 41.64 22.83 -15.66
N SER B 526 42.39 22.20 -16.57
CA SER B 526 42.01 22.23 -17.98
C SER B 526 40.67 21.54 -18.20
N ARG B 527 40.44 20.42 -17.53
CA ARG B 527 39.16 19.73 -17.64
C ARG B 527 38.02 20.60 -17.11
N PHE B 528 38.25 21.27 -15.98
CA PHE B 528 37.21 22.14 -15.43
C PHE B 528 36.89 23.29 -16.37
N ASN B 529 37.93 23.88 -16.99
CA ASN B 529 37.68 24.95 -17.95
C ASN B 529 36.94 24.44 -19.17
N ALA B 530 37.31 23.27 -19.66
CA ALA B 530 36.64 22.70 -20.84
C ALA B 530 35.29 22.08 -20.48
N ALA B 555 22.50 26.95 -1.87
CA ALA B 555 21.63 26.26 -2.82
C ALA B 555 20.59 25.41 -2.10
N ARG B 556 19.60 24.94 -2.85
CA ARG B 556 18.56 24.10 -2.27
C ARG B 556 19.15 22.78 -1.78
N ALA B 557 18.58 22.24 -0.71
CA ALA B 557 19.11 21.03 -0.10
C ALA B 557 19.01 19.83 -1.04
N ASP B 558 17.93 19.75 -1.82
CA ASP B 558 17.74 18.58 -2.67
C ASP B 558 18.78 18.51 -3.78
N ASP B 559 19.22 19.67 -4.29
CA ASP B 559 20.29 19.67 -5.28
C ASP B 559 21.58 19.11 -4.68
N VAL B 560 21.92 19.55 -3.47
CA VAL B 560 23.13 19.06 -2.82
C VAL B 560 23.03 17.56 -2.56
N GLN B 561 21.84 17.10 -2.15
CA GLN B 561 21.66 15.67 -1.90
C GLN B 561 21.80 14.86 -3.20
N LEU B 562 21.23 15.38 -4.29
CA LEU B 562 21.35 14.73 -5.59
C LEU B 562 22.81 14.59 -5.99
N TRP B 563 23.57 15.68 -5.87
CA TRP B 563 24.97 15.63 -6.27
C TRP B 563 25.80 14.78 -5.32
N ALA B 564 25.42 14.73 -4.04
CA ALA B 564 26.11 13.84 -3.11
C ALA B 564 25.91 12.38 -3.48
N ALA B 565 24.68 12.01 -3.84
CA ALA B 565 24.42 10.62 -4.26
C ALA B 565 25.19 10.28 -5.53
N VAL B 566 25.17 11.19 -6.50
CA VAL B 566 25.90 10.95 -7.75
C VAL B 566 27.40 10.83 -7.48
N GLY B 567 27.93 11.69 -6.61
CA GLY B 567 29.34 11.63 -6.27
C GLY B 567 29.72 10.35 -5.55
N THR B 568 28.85 9.86 -4.68
CA THR B 568 29.12 8.60 -4.00
C THR B 568 29.17 7.44 -4.99
N LYS B 569 28.22 7.39 -5.93
CA LYS B 569 28.29 6.36 -6.96
C LYS B 569 29.55 6.48 -7.81
N PHE B 570 29.93 7.72 -8.14
CA PHE B 570 31.15 7.94 -8.91
C PHE B 570 32.38 7.46 -8.15
N ILE B 571 32.45 7.73 -6.85
CA ILE B 571 33.56 7.27 -6.03
C ILE B 571 33.62 5.75 -6.04
N CYS B 572 32.47 5.09 -5.89
CA CYS B 572 32.46 3.63 -5.90
C CYS B 572 32.96 3.09 -7.23
N ARG B 573 32.49 3.67 -8.33
CA ARG B 573 32.92 3.20 -9.65
C ARG B 573 34.41 3.41 -9.86
N VAL B 574 34.93 4.56 -9.43
CA VAL B 574 36.36 4.84 -9.61
C VAL B 574 37.20 3.88 -8.79
N VAL B 575 36.82 3.64 -7.53
CA VAL B 575 37.58 2.71 -6.69
C VAL B 575 37.52 1.31 -7.27
N SER B 576 36.41 0.96 -7.93
CA SER B 576 36.31 -0.35 -8.56
C SER B 576 37.36 -0.52 -9.66
N ALA B 577 37.56 0.51 -10.49
CA ALA B 577 38.52 0.46 -11.60
C ALA B 577 39.27 1.78 -11.66
N PRO B 578 40.41 1.88 -10.98
CA PRO B 578 41.14 3.14 -10.94
C PRO B 578 41.71 3.53 -12.29
N GLY B 579 41.88 4.84 -12.47
CA GLY B 579 42.43 5.35 -13.71
C GLY B 579 42.24 6.86 -13.81
N ARG B 580 42.51 7.36 -15.01
CA ARG B 580 42.35 8.78 -15.33
C ARG B 580 40.96 8.98 -15.95
N ILE B 581 40.02 9.49 -15.17
CA ILE B 581 38.63 9.63 -15.59
C ILE B 581 38.16 11.05 -15.30
N TYR B 582 37.43 11.64 -16.24
CA TYR B 582 36.78 12.92 -16.04
C TYR B 582 35.38 12.88 -16.62
N GLU B 583 34.40 13.38 -15.86
CA GLU B 583 33.01 13.37 -16.28
C GLU B 583 32.34 14.67 -15.84
N TYR B 584 31.34 15.09 -16.62
CA TYR B 584 30.57 16.29 -16.31
C TYR B 584 29.09 15.96 -16.38
N PHE B 585 28.37 16.21 -15.29
CA PHE B 585 26.95 15.90 -15.17
C PHE B 585 26.14 17.19 -15.12
N LYS B 586 24.92 17.14 -15.65
CA LYS B 586 24.07 18.32 -15.76
C LYS B 586 22.62 17.91 -15.47
N GLN B 587 21.92 18.72 -14.68
CA GLN B 587 20.53 18.44 -14.36
C GLN B 587 19.61 19.27 -15.24
N MET B 588 18.45 18.69 -15.57
CA MET B 588 17.48 19.25 -16.49
C MET B 588 16.21 19.67 -15.75
N PRO B 589 15.43 20.61 -16.29
CA PRO B 589 14.21 21.05 -15.59
C PRO B 589 13.19 19.96 -15.35
N ASP B 590 13.07 18.99 -16.27
CA ASP B 590 12.06 17.95 -16.10
C ASP B 590 12.42 16.96 -14.99
N GLY B 591 13.63 17.01 -14.47
CA GLY B 591 14.06 16.10 -13.43
C GLY B 591 15.09 15.07 -13.85
N THR B 592 15.61 15.14 -15.07
CA THR B 592 16.60 14.20 -15.56
C THR B 592 18.01 14.76 -15.38
N VAL B 593 18.99 13.86 -15.48
CA VAL B 593 20.40 14.19 -15.35
C VAL B 593 21.14 13.62 -16.54
N GLU B 594 22.00 14.43 -17.16
CA GLU B 594 22.75 14.03 -18.34
C GLU B 594 24.24 14.12 -18.08
N LYS B 595 25.01 13.25 -18.75
CA LYS B 595 26.44 13.11 -18.53
C LYS B 595 27.19 13.38 -19.83
N GLU B 596 28.32 14.07 -19.72
CA GLU B 596 29.20 14.28 -20.87
C GLU B 596 30.62 13.78 -20.58
N GLU C 20 -31.07 -22.21 -18.90
CA GLU C 20 -31.15 -21.61 -20.23
C GLU C 20 -29.89 -20.81 -20.56
N LEU C 21 -28.73 -21.46 -20.42
CA LEU C 21 -27.43 -20.85 -20.72
C LEU C 21 -27.23 -19.57 -19.91
N GLN C 22 -27.68 -19.58 -18.65
CA GLN C 22 -27.59 -18.38 -17.81
C GLN C 22 -26.16 -17.92 -17.57
N PRO C 23 -25.19 -18.78 -17.24
CA PRO C 23 -23.82 -18.27 -17.02
C PRO C 23 -23.22 -17.57 -18.24
N GLN C 24 -23.52 -18.06 -19.45
CA GLN C 24 -23.02 -17.39 -20.65
C GLN C 24 -23.63 -15.99 -20.78
N PHE C 25 -24.92 -15.86 -20.49
CA PHE C 25 -25.54 -14.54 -20.50
C PHE C 25 -24.91 -13.63 -19.45
N ASN C 26 -24.59 -14.17 -18.28
CA ASN C 26 -23.92 -13.37 -17.26
C ASN C 26 -22.55 -12.88 -17.73
N GLU C 27 -21.79 -13.77 -18.38
CA GLU C 27 -20.49 -13.36 -18.91
C GLU C 27 -20.64 -12.30 -19.99
N PHE C 28 -21.63 -12.46 -20.86
CA PHE C 28 -21.89 -11.47 -21.90
C PHE C 28 -22.23 -10.11 -21.30
N LEU C 29 -23.08 -10.10 -20.27
CA LEU C 29 -23.43 -8.86 -19.59
C LEU C 29 -22.21 -8.23 -18.95
N ALA C 30 -21.35 -9.04 -18.33
CA ALA C 30 -20.13 -8.50 -17.74
C ALA C 30 -19.20 -7.94 -18.81
N ASN C 31 -19.24 -8.52 -20.01
CA ASN C 31 -18.40 -8.01 -21.10
C ASN C 31 -18.91 -6.68 -21.63
N ILE C 32 -20.22 -6.48 -21.70
CA ILE C 32 -20.77 -5.28 -22.33
C ILE C 32 -20.99 -4.15 -21.33
N ARG C 33 -20.47 -4.27 -20.12
CA ARG C 33 -20.65 -3.22 -19.11
C ARG C 33 -19.48 -2.26 -19.11
N PRO C 34 -19.68 -1.03 -18.66
CA PRO C 34 -18.56 -0.07 -18.57
C PRO C 34 -17.49 -0.55 -17.61
N THR C 35 -16.25 -0.19 -17.90
CA THR C 35 -15.10 -0.63 -17.13
C THR C 35 -15.04 0.11 -15.79
N ASP C 36 -14.14 -0.36 -14.92
CA ASP C 36 -14.05 0.18 -13.57
C ASP C 36 -13.35 1.53 -13.54
N THR C 37 -12.38 1.74 -14.43
CA THR C 37 -11.69 3.03 -14.47
C THR C 37 -12.65 4.15 -14.84
N GLN C 38 -13.50 3.93 -15.84
CA GLN C 38 -14.50 4.92 -16.20
C GLN C 38 -15.48 5.16 -15.06
N LYS C 39 -15.85 4.09 -14.35
CA LYS C 39 -16.81 4.21 -13.26
C LYS C 39 -16.26 5.09 -12.15
N GLU C 40 -15.03 4.80 -11.69
CA GLU C 40 -14.44 5.64 -10.66
C GLU C 40 -14.21 7.05 -11.17
N ASP C 41 -13.90 7.19 -12.47
CA ASP C 41 -13.68 8.52 -13.03
C ASP C 41 -14.94 9.36 -12.96
N TRP C 42 -16.08 8.81 -13.35
CA TRP C 42 -17.28 9.62 -13.34
C TRP C 42 -17.77 9.86 -11.92
N LYS C 43 -17.58 8.90 -11.01
CA LYS C 43 -17.95 9.13 -9.62
C LYS C 43 -17.14 10.28 -9.02
N SER C 44 -15.81 10.23 -9.17
CA SER C 44 -14.97 11.27 -8.61
C SER C 44 -15.23 12.61 -9.30
N GLY C 45 -15.47 12.59 -10.61
CA GLY C 45 -15.77 13.83 -11.31
C GLY C 45 -17.06 14.48 -10.84
N ALA C 46 -18.11 13.68 -10.64
CA ALA C 46 -19.36 14.23 -10.14
C ALA C 46 -19.18 14.81 -8.74
N ARG C 47 -18.48 14.09 -7.86
CA ARG C 47 -18.28 14.62 -6.51
C ARG C 47 -17.46 15.90 -6.52
N THR C 48 -16.39 15.94 -7.32
CA THR C 48 -15.55 17.13 -7.39
C THR C 48 -16.32 18.31 -7.96
N LEU C 49 -17.10 18.08 -9.01
CA LEU C 49 -17.90 19.16 -9.59
C LEU C 49 -18.91 19.69 -8.59
N ARG C 50 -19.54 18.80 -7.83
CA ARG C 50 -20.50 19.24 -6.82
C ARG C 50 -19.82 20.11 -5.75
N GLU C 51 -18.66 19.68 -5.27
CA GLU C 51 -17.96 20.46 -4.26
C GLU C 51 -17.53 21.82 -4.80
N ARG C 52 -16.99 21.84 -6.02
CA ARG C 52 -16.56 23.11 -6.62
C ARG C 52 -17.73 24.06 -6.83
N LEU C 53 -18.87 23.52 -7.28
CA LEU C 53 -20.06 24.35 -7.44
C LEU C 53 -20.53 24.91 -6.11
N LYS C 54 -20.46 24.09 -5.05
CA LYS C 54 -20.87 24.57 -3.73
C LYS C 54 -19.97 25.69 -3.24
N ASN C 55 -18.66 25.60 -3.49
CA ASN C 55 -17.72 26.56 -2.91
C ASN C 55 -17.60 27.86 -3.70
N PHE C 56 -18.25 27.99 -4.86
CA PHE C 56 -18.11 29.18 -5.68
C PHE C 56 -19.00 30.29 -5.12
N GLU C 57 -18.38 31.43 -4.78
CA GLU C 57 -19.13 32.53 -4.18
C GLU C 57 -20.18 33.14 -5.10
N PRO C 58 -19.88 33.46 -6.37
CA PRO C 58 -20.93 34.08 -7.21
C PRO C 58 -22.18 33.24 -7.38
N LEU C 59 -22.05 31.91 -7.43
CA LEU C 59 -23.18 31.02 -7.60
C LEU C 59 -23.52 30.24 -6.33
N LYS C 60 -23.20 30.81 -5.16
CA LYS C 60 -23.47 30.10 -3.91
C LYS C 60 -24.96 30.01 -3.64
N GLU C 61 -25.68 31.14 -3.76
CA GLU C 61 -27.11 31.14 -3.47
C GLU C 61 -27.94 30.61 -4.64
N ILE C 62 -27.45 30.75 -5.87
CA ILE C 62 -28.22 30.35 -7.03
C ILE C 62 -28.35 28.83 -7.09
N VAL C 63 -27.26 28.12 -6.91
CA VAL C 63 -27.25 26.67 -7.05
C VAL C 63 -27.92 26.02 -5.84
N VAL C 64 -28.81 25.08 -6.09
CA VAL C 64 -29.53 24.37 -5.04
C VAL C 64 -29.03 22.93 -4.91
N SER C 65 -28.90 22.22 -6.02
CA SER C 65 -28.49 20.83 -5.97
C SER C 65 -27.80 20.45 -7.28
N THR C 66 -27.06 19.33 -7.23
CA THR C 66 -26.36 18.81 -8.38
C THR C 66 -26.35 17.29 -8.26
N PHE C 67 -27.13 16.61 -9.09
CA PHE C 67 -27.26 15.17 -9.00
C PHE C 67 -27.07 14.53 -10.37
N LEU C 68 -26.75 13.24 -10.35
CA LEU C 68 -26.43 12.48 -11.54
C LEU C 68 -27.69 11.80 -12.07
N GLN C 69 -27.83 11.78 -13.40
CA GLN C 69 -28.99 11.20 -14.06
C GLN C 69 -28.52 10.44 -15.29
N GLY C 70 -29.46 10.11 -16.16
CA GLY C 70 -29.14 9.44 -17.40
C GLY C 70 -29.01 7.95 -17.23
N SER C 71 -28.57 7.29 -18.31
CA SER C 71 -28.45 5.84 -18.29
C SER C 71 -27.39 5.37 -17.31
N ILE C 72 -26.45 6.24 -16.95
CA ILE C 72 -25.45 5.88 -15.95
C ILE C 72 -26.11 5.64 -14.59
N ARG C 73 -27.01 6.54 -14.20
CA ARG C 73 -27.71 6.39 -12.93
C ARG C 73 -28.67 5.21 -12.96
N ARG C 74 -29.29 4.95 -14.11
CA ARG C 74 -30.27 3.89 -14.24
C ARG C 74 -29.66 2.56 -14.67
N SER C 75 -28.34 2.50 -14.81
CA SER C 75 -27.63 1.25 -15.11
C SER C 75 -28.10 0.64 -16.43
N THR C 76 -28.27 1.47 -17.45
CA THR C 76 -28.67 1.01 -18.77
C THR C 76 -27.70 1.53 -19.82
N ALA C 77 -26.42 1.55 -19.48
CA ALA C 77 -25.37 2.08 -20.36
C ALA C 77 -24.44 0.96 -20.80
N ILE C 78 -23.96 1.06 -22.04
CA ILE C 78 -23.08 0.05 -22.61
C ILE C 78 -21.72 0.68 -22.89
N ARG C 79 -20.74 -0.18 -23.12
CA ARG C 79 -19.36 0.25 -23.31
C ARG C 79 -19.16 0.77 -24.73
N PRO C 80 -18.62 1.98 -24.89
CA PRO C 80 -18.36 2.50 -26.24
C PRO C 80 -17.26 1.74 -26.94
N LEU C 81 -17.47 1.45 -28.21
CA LEU C 81 -16.46 0.73 -28.99
C LEU C 81 -15.30 1.67 -29.32
N GLY C 82 -14.08 1.16 -29.15
CA GLY C 82 -12.90 1.97 -29.37
C GLY C 82 -12.42 2.65 -28.11
N ASP C 83 -11.89 3.87 -28.24
CA ASP C 83 -11.46 4.66 -27.10
C ASP C 83 -12.40 5.84 -26.83
N LYS C 84 -13.61 5.80 -27.37
CA LYS C 84 -14.56 6.89 -27.19
C LYS C 84 -14.98 7.00 -25.73
N ARG C 85 -15.08 8.23 -25.24
CA ARG C 85 -15.43 8.47 -23.85
C ARG C 85 -16.93 8.30 -23.65
N PRO C 86 -17.38 7.65 -22.58
CA PRO C 86 -18.81 7.53 -22.32
C PRO C 86 -19.43 8.87 -21.94
N ASP C 87 -20.73 8.96 -22.18
CA ASP C 87 -21.50 10.15 -21.86
C ASP C 87 -22.07 10.06 -20.46
N VAL C 88 -21.85 11.10 -19.66
CA VAL C 88 -22.35 11.18 -18.29
C VAL C 88 -23.23 12.41 -18.19
N ASP C 89 -24.45 12.21 -17.69
CA ASP C 89 -25.45 13.27 -17.63
C ASP C 89 -25.59 13.80 -16.21
N ILE C 90 -25.52 15.11 -16.05
CA ILE C 90 -25.62 15.76 -14.75
C ILE C 90 -26.67 16.86 -14.87
N VAL C 91 -27.32 17.17 -13.74
CA VAL C 91 -28.36 18.19 -13.67
C VAL C 91 -28.01 19.16 -12.55
N VAL C 92 -28.04 20.45 -12.85
CA VAL C 92 -27.84 21.50 -11.87
C VAL C 92 -29.18 22.19 -11.65
N VAL C 93 -29.72 22.06 -10.44
CA VAL C 93 -31.00 22.67 -10.10
C VAL C 93 -30.75 23.99 -9.40
N THR C 94 -31.35 25.06 -9.91
CA THR C 94 -31.18 26.39 -9.37
C THR C 94 -32.53 26.91 -8.86
N ASN C 95 -32.49 28.07 -8.20
CA ASN C 95 -33.69 28.70 -7.67
C ASN C 95 -34.08 29.93 -8.46
N LEU C 96 -33.62 30.03 -9.71
CA LEU C 96 -33.94 31.19 -10.54
C LEU C 96 -35.41 31.16 -10.95
N ASP C 97 -35.90 32.32 -11.37
CA ASP C 97 -37.26 32.47 -11.87
C ASP C 97 -37.23 32.44 -13.39
N HIS C 98 -37.85 31.41 -13.98
CA HIS C 98 -37.82 31.27 -15.42
C HIS C 98 -38.74 32.25 -16.13
N THR C 99 -39.74 32.81 -15.42
CA THR C 99 -40.65 33.77 -16.04
C THR C 99 -39.96 35.07 -16.39
N ARG C 100 -38.86 35.41 -15.72
CA ARG C 100 -38.14 36.65 -15.96
C ARG C 100 -36.85 36.47 -16.74
N MET C 101 -36.13 35.36 -16.51
CA MET C 101 -34.84 35.15 -17.15
C MET C 101 -34.97 34.19 -18.32
N SER C 102 -34.35 34.56 -19.43
CA SER C 102 -34.30 33.71 -20.60
C SER C 102 -33.31 32.57 -20.37
N PRO C 103 -33.43 31.47 -21.14
CA PRO C 103 -32.45 30.38 -20.98
C PRO C 103 -31.02 30.80 -21.25
N THR C 104 -30.81 31.73 -22.19
CA THR C 104 -29.46 32.13 -22.55
C THR C 104 -28.75 32.82 -21.38
N ASP C 105 -29.44 33.70 -20.67
CA ASP C 105 -28.83 34.35 -19.53
C ASP C 105 -28.48 33.35 -18.43
N ALA C 106 -29.40 32.41 -18.16
CA ALA C 106 -29.17 31.41 -17.14
C ALA C 106 -27.96 30.55 -17.47
N MET C 107 -27.82 30.14 -18.73
CA MET C 107 -26.64 29.36 -19.10
C MET C 107 -25.38 30.22 -19.12
N ASP C 108 -25.50 31.51 -19.41
CA ASP C 108 -24.33 32.39 -19.42
C ASP C 108 -23.85 32.71 -18.02
N LEU C 109 -24.69 32.52 -17.00
CA LEU C 109 -24.23 32.75 -15.63
C LEU C 109 -23.14 31.78 -15.19
N PHE C 110 -22.93 30.69 -15.93
CA PHE C 110 -21.99 29.64 -15.54
C PHE C 110 -20.67 29.68 -16.30
N ILE C 111 -20.47 30.65 -17.20
CA ILE C 111 -19.24 30.71 -17.98
C ILE C 111 -18.01 30.96 -17.12
N PRO C 112 -17.99 31.95 -16.20
CA PRO C 112 -16.76 32.16 -15.40
C PRO C 112 -16.33 30.94 -14.62
N PHE C 113 -17.29 30.18 -14.09
CA PHE C 113 -16.96 28.98 -13.32
C PHE C 113 -16.22 27.97 -14.18
N LEU C 114 -16.74 27.71 -15.39
CA LEU C 114 -16.10 26.76 -16.29
C LEU C 114 -14.74 27.26 -16.76
N GLU C 115 -14.62 28.57 -17.01
CA GLU C 115 -13.31 29.10 -17.40
C GLU C 115 -12.29 28.99 -16.28
N LYS C 116 -12.72 29.18 -15.03
CA LYS C 116 -11.79 29.10 -13.91
C LYS C 116 -11.38 27.67 -13.63
N TYR C 117 -12.34 26.79 -13.36
CA TYR C 117 -12.01 25.46 -12.87
C TYR C 117 -11.68 24.47 -13.97
N TYR C 118 -12.16 24.68 -15.19
CA TYR C 118 -11.97 23.74 -16.30
C TYR C 118 -11.46 24.51 -17.52
N PRO C 119 -10.21 24.99 -17.48
CA PRO C 119 -9.70 25.81 -18.59
C PRO C 119 -9.37 24.95 -19.80
N GLY C 120 -9.97 25.28 -20.94
CA GLY C 120 -9.65 24.62 -22.18
C GLY C 120 -10.24 23.23 -22.35
N LYS C 121 -11.13 22.82 -21.45
CA LYS C 121 -11.74 21.50 -21.53
C LYS C 121 -13.26 21.54 -21.64
N TRP C 122 -13.87 22.71 -21.67
CA TRP C 122 -15.32 22.86 -21.68
C TRP C 122 -15.79 23.45 -22.99
N GLU C 123 -17.01 23.10 -23.38
CA GLU C 123 -17.59 23.55 -24.63
C GLU C 123 -19.10 23.58 -24.50
N THR C 124 -19.73 24.59 -25.09
CA THR C 124 -21.18 24.70 -25.07
C THR C 124 -21.76 24.22 -26.40
N GLN C 125 -22.79 23.38 -26.33
CA GLN C 125 -23.47 22.91 -27.52
C GLN C 125 -24.94 22.68 -27.20
N GLY C 126 -25.80 23.15 -28.10
CA GLY C 126 -27.24 22.94 -27.91
C GLY C 126 -27.73 23.57 -26.63
N ARG C 127 -28.32 22.74 -25.76
CA ARG C 127 -28.86 23.18 -24.49
C ARG C 127 -27.96 22.86 -23.30
N SER C 128 -26.80 22.26 -23.53
CA SER C 128 -25.98 21.73 -22.45
C SER C 128 -24.53 22.13 -22.63
N PHE C 129 -23.75 21.96 -21.58
CA PHE C 129 -22.31 22.16 -21.60
C PHE C 129 -21.62 20.80 -21.62
N GLY C 130 -20.44 20.75 -22.24
CA GLY C 130 -19.68 19.51 -22.31
C GLY C 130 -18.29 19.61 -21.77
N ILE C 131 -17.97 18.82 -20.73
CA ILE C 131 -16.67 18.85 -20.08
C ILE C 131 -15.97 17.53 -20.36
N THR C 132 -14.70 17.60 -20.75
CA THR C 132 -13.91 16.43 -21.12
C THR C 132 -12.99 16.07 -19.96
N LEU C 133 -13.21 14.90 -19.38
CA LEU C 133 -12.38 14.39 -18.30
C LEU C 133 -11.35 13.41 -18.87
N SER C 134 -10.64 12.71 -17.98
CA SER C 134 -9.61 11.79 -18.42
C SER C 134 -10.18 10.62 -19.21
N TYR C 135 -11.28 10.04 -18.73
CA TYR C 135 -11.86 8.86 -19.37
C TYR C 135 -13.33 9.00 -19.73
N VAL C 136 -14.02 10.05 -19.26
CA VAL C 136 -15.45 10.22 -19.52
C VAL C 136 -15.68 11.66 -19.96
N GLU C 137 -16.91 11.92 -20.41
CA GLU C 137 -17.35 13.25 -20.80
C GLU C 137 -18.63 13.59 -20.05
N LEU C 138 -18.62 14.72 -19.34
CA LEU C 138 -19.79 15.16 -18.60
C LEU C 138 -20.69 16.00 -19.50
N ASP C 139 -21.98 15.98 -19.21
CA ASP C 139 -22.98 16.71 -19.99
C ASP C 139 -24.01 17.28 -19.03
N LEU C 140 -23.78 18.51 -18.57
CA LEU C 140 -24.60 19.10 -17.51
C LEU C 140 -25.63 20.06 -18.10
N VAL C 141 -26.79 20.10 -17.48
CA VAL C 141 -27.93 20.89 -17.94
C VAL C 141 -28.41 21.77 -16.79
N ILE C 142 -28.74 23.03 -17.10
CA ILE C 142 -29.21 23.97 -16.10
C ILE C 142 -30.73 23.93 -16.07
N THR C 143 -31.30 23.75 -14.88
CA THR C 143 -32.74 23.68 -14.69
C THR C 143 -33.16 24.59 -13.54
N ALA C 144 -34.47 24.81 -13.45
CA ALA C 144 -35.04 25.70 -12.44
C ALA C 144 -36.32 25.09 -11.88
N ILE C 145 -36.72 25.57 -10.71
CA ILE C 145 -37.91 25.08 -10.03
C ILE C 145 -39.07 26.03 -10.39
N PRO C 146 -40.16 25.53 -10.97
CA PRO C 146 -41.29 26.39 -11.34
C PRO C 146 -42.32 26.61 -10.25
N GLU C 147 -42.04 26.28 -8.99
CA GLU C 147 -42.99 26.45 -7.91
C GLU C 147 -42.63 27.66 -7.06
N SER C 148 -43.49 27.95 -6.08
CA SER C 148 -43.26 29.04 -5.15
C SER C 148 -43.91 28.71 -3.82
N GLY C 149 -43.41 29.34 -2.76
CA GLY C 149 -43.96 29.14 -1.43
C GLY C 149 -43.41 27.92 -0.73
N ALA C 150 -44.23 27.31 0.14
CA ALA C 150 -43.78 26.15 0.88
C ALA C 150 -43.55 24.94 -0.01
N GLU C 151 -44.22 24.89 -1.17
CA GLU C 151 -43.97 23.82 -2.13
C GLU C 151 -42.52 23.84 -2.59
N LYS C 152 -41.99 25.04 -2.84
CA LYS C 152 -40.59 25.16 -3.21
C LYS C 152 -39.68 24.66 -2.10
N SER C 153 -40.02 24.97 -0.84
CA SER C 153 -39.21 24.51 0.28
C SER C 153 -39.21 22.99 0.38
N HIS C 154 -40.38 22.37 0.24
CA HIS C 154 -40.45 20.92 0.30
C HIS C 154 -39.68 20.28 -0.85
N LEU C 155 -39.80 20.83 -2.06
CA LEU C 155 -39.08 20.28 -3.19
C LEU C 155 -37.57 20.40 -3.00
N GLU C 156 -37.11 21.55 -2.49
CA GLU C 156 -35.68 21.72 -2.24
C GLU C 156 -35.19 20.74 -1.18
N GLN C 157 -35.99 20.53 -0.13
CA GLN C 157 -35.61 19.58 0.90
C GLN C 157 -35.51 18.16 0.34
N LEU C 158 -36.43 17.81 -0.57
CA LEU C 158 -36.32 16.52 -1.24
C LEU C 158 -35.08 16.44 -2.11
N TYR C 159 -34.78 17.50 -2.86
CA TYR C 159 -33.64 17.49 -3.77
C TYR C 159 -32.30 17.53 -3.07
N LYS C 160 -32.26 17.92 -1.79
CA LYS C 160 -31.01 17.91 -1.04
C LYS C 160 -30.83 16.63 -0.23
N SER C 161 -31.67 15.62 -0.45
CA SER C 161 -31.65 14.41 0.36
C SER C 161 -30.60 13.43 -0.15
N GLU C 162 -30.34 12.39 0.66
CA GLU C 162 -29.36 11.38 0.28
C GLU C 162 -29.87 10.49 -0.84
N SER C 163 -31.19 10.39 -1.01
CA SER C 163 -31.72 9.55 -2.07
C SER C 163 -31.42 10.15 -3.45
N VAL C 164 -31.37 11.48 -3.54
CA VAL C 164 -31.08 12.14 -4.80
C VAL C 164 -29.59 12.38 -4.99
N LEU C 165 -28.86 12.66 -3.91
CA LEU C 165 -27.46 13.05 -3.98
C LEU C 165 -26.52 11.86 -3.89
N THR C 166 -26.95 10.68 -4.34
CA THR C 166 -26.12 9.49 -4.32
C THR C 166 -25.52 9.26 -5.70
N VAL C 167 -24.29 8.74 -5.72
CA VAL C 167 -23.58 8.52 -6.99
C VAL C 167 -23.55 7.06 -7.39
N ASN C 168 -24.14 6.17 -6.59
CA ASN C 168 -24.20 4.77 -6.95
C ASN C 168 -25.35 4.50 -7.90
N SER C 169 -25.15 3.53 -8.78
CA SER C 169 -26.16 3.16 -9.76
C SER C 169 -27.27 2.34 -9.09
N LEU C 170 -28.34 2.11 -9.86
CA LEU C 170 -29.46 1.33 -9.34
C LEU C 170 -29.06 -0.12 -9.09
N GLU C 171 -28.12 -0.64 -9.87
CA GLU C 171 -27.72 -2.04 -9.71
C GLU C 171 -27.05 -2.27 -8.36
N GLU C 172 -26.24 -1.32 -7.91
CA GLU C 172 -25.54 -1.48 -6.64
C GLU C 172 -26.51 -1.40 -5.46
N GLN C 173 -27.42 -0.44 -5.49
CA GLN C 173 -28.37 -0.23 -4.39
C GLN C 173 -29.73 -0.79 -4.80
N THR C 174 -29.98 -2.04 -4.43
CA THR C 174 -31.29 -2.64 -4.66
C THR C 174 -32.31 -2.23 -3.61
N ASP C 175 -31.90 -1.49 -2.58
CA ASP C 175 -32.79 -1.00 -1.55
C ASP C 175 -33.06 0.50 -1.67
N TRP C 176 -32.72 1.11 -2.80
CA TRP C 176 -32.94 2.54 -2.97
C TRP C 176 -34.43 2.83 -3.10
N ARG C 177 -34.90 3.86 -2.39
CA ARG C 177 -36.28 4.30 -2.45
C ARG C 177 -36.32 5.82 -2.52
N LEU C 178 -37.29 6.34 -3.27
CA LEU C 178 -37.43 7.79 -3.42
C LEU C 178 -38.12 8.32 -2.17
N ASN C 179 -37.31 8.54 -1.14
CA ASN C 179 -37.81 9.02 0.14
C ASN C 179 -36.72 9.86 0.79
N LYS C 180 -37.12 10.97 1.39
CA LYS C 180 -36.15 11.84 2.06
C LYS C 180 -35.68 11.28 3.39
N SER C 181 -36.30 10.22 3.89
CA SER C 181 -35.90 9.57 5.13
C SER C 181 -35.19 8.24 4.89
N TRP C 182 -34.62 8.06 3.71
CA TRP C 182 -33.90 6.85 3.34
C TRP C 182 -32.41 7.06 3.53
N THR C 183 -31.74 6.05 4.08
CA THR C 183 -30.31 6.09 4.31
C THR C 183 -29.66 4.85 3.73
N PRO C 184 -28.40 4.96 3.27
CA PRO C 184 -27.72 3.80 2.70
C PRO C 184 -27.52 2.71 3.74
N ASN C 185 -28.07 1.53 3.47
CA ASN C 185 -28.00 0.40 4.39
C ASN C 185 -26.70 -0.35 4.12
N THR C 186 -25.73 -0.20 5.02
CA THR C 186 -24.44 -0.87 4.93
C THR C 186 -24.30 -1.84 6.08
N GLY C 187 -24.01 -3.10 5.78
CA GLY C 187 -23.79 -4.10 6.79
C GLY C 187 -22.35 -4.56 6.85
N TRP C 188 -21.97 -5.25 7.92
CA TRP C 188 -20.62 -5.79 8.01
C TRP C 188 -20.34 -6.76 6.88
N LEU C 189 -21.31 -7.65 6.61
CA LEU C 189 -21.22 -8.61 5.51
C LEU C 189 -22.35 -8.44 4.51
N SER C 190 -23.59 -8.45 4.97
CA SER C 190 -24.73 -8.32 4.06
C SER C 190 -25.32 -6.92 4.16
N SER C 194 -31.56 -0.67 8.46
CA SER C 194 -32.12 -2.01 8.50
C SER C 194 -33.57 -2.02 8.01
N ALA C 195 -34.39 -1.15 8.59
CA ALA C 195 -35.79 -1.06 8.20
C ALA C 195 -35.91 -0.58 6.75
N GLN C 196 -36.79 -1.23 6.01
CA GLN C 196 -36.98 -0.92 4.59
C GLN C 196 -38.05 0.16 4.47
N VAL C 197 -37.62 1.42 4.31
CA VAL C 197 -38.54 2.50 4.06
C VAL C 197 -39.08 2.38 2.64
N GLU C 198 -40.32 2.80 2.44
CA GLU C 198 -40.96 2.69 1.14
C GLU C 198 -40.96 4.04 0.41
N ASP C 199 -41.47 4.03 -0.82
CA ASP C 199 -41.53 5.24 -1.63
C ASP C 199 -42.46 6.27 -1.00
N ALA C 200 -42.15 7.53 -1.25
CA ALA C 200 -43.00 8.61 -0.79
C ALA C 200 -44.31 8.63 -1.58
N PRO C 201 -45.39 9.15 -0.99
CA PRO C 201 -46.67 9.23 -1.71
C PRO C 201 -46.55 10.13 -2.94
N ALA C 202 -47.31 9.78 -3.98
CA ALA C 202 -47.24 10.52 -5.23
C ALA C 202 -47.75 11.95 -5.09
N SER C 203 -48.46 12.27 -4.00
CA SER C 203 -48.96 13.62 -3.81
C SER C 203 -47.87 14.64 -3.50
N GLU C 204 -46.64 14.18 -3.24
CA GLU C 204 -45.57 15.08 -2.84
C GLU C 204 -44.58 15.41 -3.95
N TRP C 205 -44.48 14.58 -4.98
CA TRP C 205 -43.49 14.80 -6.03
C TRP C 205 -44.01 14.64 -7.45
N LYS C 206 -45.11 13.93 -7.68
CA LYS C 206 -45.49 13.58 -9.04
C LYS C 206 -45.94 14.81 -9.84
N ALA C 207 -46.64 15.74 -9.19
CA ALA C 207 -47.22 16.87 -9.90
C ALA C 207 -46.32 18.10 -9.90
N HIS C 208 -45.02 17.94 -9.65
CA HIS C 208 -44.08 19.06 -9.59
C HIS C 208 -42.87 18.76 -10.46
N PRO C 209 -42.93 19.10 -11.76
CA PRO C 209 -41.78 18.87 -12.64
C PRO C 209 -40.80 20.04 -12.62
N LEU C 210 -39.77 19.97 -13.45
CA LEU C 210 -38.75 21.01 -13.56
C LEU C 210 -38.76 21.60 -14.96
N VAL C 211 -38.18 22.80 -15.10
CA VAL C 211 -38.08 23.49 -16.36
C VAL C 211 -36.63 23.51 -16.82
N LEU C 212 -36.42 23.29 -18.11
CA LEU C 212 -35.09 23.27 -18.71
C LEU C 212 -35.15 23.97 -20.05
N PRO C 213 -34.02 24.44 -20.56
CA PRO C 213 -34.00 25.09 -21.88
C PRO C 213 -34.27 24.11 -22.99
N ASP C 214 -34.68 24.64 -24.14
CA ASP C 214 -34.96 23.84 -25.31
C ASP C 214 -33.70 23.70 -26.15
N ARG C 215 -33.83 23.08 -27.33
CA ARG C 215 -32.68 22.91 -28.22
C ARG C 215 -32.09 24.24 -28.64
N GLU C 216 -32.94 25.20 -28.99
CA GLU C 216 -32.50 26.50 -29.48
C GLU C 216 -32.34 27.54 -28.38
N LYS C 217 -32.55 27.15 -27.13
CA LYS C 217 -32.43 28.06 -25.98
C LYS C 217 -33.33 29.28 -26.16
N ASN C 218 -34.55 29.06 -26.66
CA ASN C 218 -35.52 30.13 -26.84
C ASN C 218 -36.68 30.06 -25.87
N GLU C 219 -36.99 28.88 -25.32
CA GLU C 219 -38.12 28.71 -24.43
C GLU C 219 -37.79 27.58 -23.46
N TRP C 220 -38.51 27.56 -22.34
CA TRP C 220 -38.31 26.55 -21.30
C TRP C 220 -39.28 25.40 -21.51
N GLY C 221 -38.75 24.18 -21.51
CA GLY C 221 -39.55 22.97 -21.53
C GLY C 221 -39.79 22.44 -20.13
N ARG C 222 -40.44 21.29 -20.07
CA ARG C 222 -40.72 20.61 -18.81
C ARG C 222 -40.06 19.24 -18.78
N THR C 223 -39.43 18.92 -17.66
CA THR C 223 -38.76 17.63 -17.49
C THR C 223 -38.95 17.16 -16.05
N HIS C 224 -38.82 15.85 -15.86
CA HIS C 224 -39.03 15.23 -14.56
C HIS C 224 -38.31 13.89 -14.52
N PRO C 225 -37.01 13.87 -14.21
CA PRO C 225 -36.24 12.62 -14.30
C PRO C 225 -36.36 11.73 -13.07
N LEU C 226 -36.74 12.32 -11.93
CA LEU C 226 -36.86 11.52 -10.71
C LEU C 226 -37.95 10.46 -10.86
N ALA C 227 -39.06 10.82 -11.50
CA ALA C 227 -40.10 9.82 -11.77
C ALA C 227 -39.59 8.72 -12.69
N GLN C 228 -38.75 9.05 -13.66
CA GLN C 228 -38.19 8.04 -14.55
C GLN C 228 -37.30 7.08 -13.77
N ILE C 229 -36.46 7.61 -12.88
CA ILE C 229 -35.60 6.75 -12.08
C ILE C 229 -36.44 5.86 -11.16
N ARG C 230 -37.46 6.44 -10.52
CA ARG C 230 -38.32 5.65 -9.64
C ARG C 230 -39.02 4.53 -10.40
N TRP C 231 -39.57 4.85 -11.57
CA TRP C 231 -40.26 3.84 -12.36
C TRP C 231 -39.31 2.74 -12.81
N THR C 232 -38.09 3.11 -13.22
CA THR C 232 -37.13 2.09 -13.63
C THR C 232 -36.75 1.19 -12.47
N ALA C 233 -36.54 1.77 -11.29
CA ALA C 233 -36.21 0.95 -10.12
C ALA C 233 -37.35 -0.01 -9.79
N GLU C 234 -38.59 0.49 -9.79
CA GLU C 234 -39.73 -0.36 -9.45
C GLU C 234 -39.91 -1.48 -10.49
N LYS C 235 -39.75 -1.16 -11.77
CA LYS C 235 -39.90 -2.16 -12.81
C LYS C 235 -38.80 -3.22 -12.72
N ASN C 236 -37.59 -2.80 -12.37
CA ASN C 236 -36.52 -3.77 -12.15
C ASN C 236 -36.85 -4.66 -10.95
N ARG C 237 -37.39 -4.08 -9.89
CA ARG C 237 -37.72 -4.87 -8.71
C ARG C 237 -38.83 -5.89 -9.02
N LEU C 238 -39.82 -5.49 -9.82
CA LEU C 238 -40.91 -6.41 -10.16
C LEU C 238 -40.47 -7.48 -11.15
N CYS C 239 -39.38 -7.27 -11.88
CA CYS C 239 -38.89 -8.23 -12.86
C CYS C 239 -37.69 -9.02 -12.36
N ASN C 240 -37.43 -8.99 -11.05
CA ASN C 240 -36.35 -9.78 -10.45
C ASN C 240 -34.99 -9.40 -11.00
N GLY C 241 -34.76 -8.09 -11.17
CA GLY C 241 -33.46 -7.60 -11.60
C GLY C 241 -33.03 -8.04 -12.98
N HIS C 242 -33.96 -8.05 -13.93
CA HIS C 242 -33.66 -8.41 -15.31
C HIS C 242 -33.94 -7.30 -16.31
N TYR C 243 -34.52 -6.17 -15.88
CA TYR C 243 -34.95 -5.15 -16.84
C TYR C 243 -33.76 -4.43 -17.45
N ILE C 244 -32.81 -3.97 -16.61
CA ILE C 244 -31.71 -3.17 -17.11
C ILE C 244 -30.78 -4.02 -17.97
N ASN C 245 -30.58 -5.27 -17.59
CA ASN C 245 -29.75 -6.17 -18.41
C ASN C 245 -30.38 -6.39 -19.77
N LEU C 246 -31.70 -6.53 -19.83
CA LEU C 246 -32.37 -6.66 -21.11
C LEU C 246 -32.21 -5.40 -21.95
N VAL C 247 -32.29 -4.22 -21.31
CA VAL C 247 -32.10 -2.97 -22.05
C VAL C 247 -30.70 -2.92 -22.65
N ARG C 248 -29.68 -3.29 -21.86
CA ARG C 248 -28.31 -3.27 -22.36
C ARG C 248 -28.14 -4.27 -23.50
N ALA C 249 -28.73 -5.45 -23.37
CA ALA C 249 -28.61 -6.46 -24.43
C ALA C 249 -29.24 -5.98 -25.72
N VAL C 250 -30.40 -5.32 -25.64
CA VAL C 250 -31.05 -4.82 -26.84
C VAL C 250 -30.23 -3.68 -27.46
N LYS C 251 -29.64 -2.82 -26.61
CA LYS C 251 -28.78 -1.76 -27.15
C LYS C 251 -27.57 -2.34 -27.88
N TRP C 252 -26.96 -3.37 -27.30
CA TRP C 252 -25.82 -4.02 -27.96
C TRP C 252 -26.24 -4.66 -29.27
N TRP C 253 -27.41 -5.31 -29.29
CA TRP C 253 -27.90 -5.87 -30.54
C TRP C 253 -28.09 -4.81 -31.60
N ARG C 254 -28.65 -3.65 -31.20
CA ARG C 254 -28.82 -2.55 -32.14
C ARG C 254 -27.48 -2.06 -32.67
N GLN C 255 -26.47 -1.96 -31.80
CA GLN C 255 -25.15 -1.52 -32.23
C GLN C 255 -24.53 -2.50 -33.23
N GLN C 256 -24.65 -3.80 -32.97
CA GLN C 256 -24.03 -4.78 -33.85
C GLN C 256 -24.66 -4.77 -35.24
N ASN C 257 -25.99 -4.83 -35.31
CA ASN C 257 -26.68 -4.84 -36.60
C ASN C 257 -27.05 -3.42 -37.02
N SER C 258 -26.03 -2.56 -37.08
CA SER C 258 -26.26 -1.16 -37.40
C SER C 258 -26.50 -0.94 -38.89
N GLU C 259 -25.92 -1.79 -39.74
CA GLU C 259 -26.06 -1.61 -41.19
C GLU C 259 -27.51 -1.80 -41.64
N ASP C 260 -28.18 -2.80 -41.10
CA ASP C 260 -29.54 -3.15 -41.52
C ASP C 260 -30.61 -2.45 -40.70
N LEU C 261 -30.24 -1.47 -39.88
CA LEU C 261 -31.17 -0.79 -39.01
C LEU C 261 -31.10 0.71 -39.21
N PRO C 262 -32.21 1.42 -39.01
CA PRO C 262 -32.19 2.88 -39.16
C PRO C 262 -31.43 3.55 -38.02
N LYS C 263 -31.20 4.85 -38.20
CA LYS C 263 -30.46 5.61 -37.21
C LYS C 263 -31.27 5.77 -35.92
N TYR C 264 -32.59 5.78 -36.02
CA TYR C 264 -33.48 5.94 -34.87
C TYR C 264 -34.52 4.83 -34.85
N PRO C 265 -35.07 4.48 -33.67
CA PRO C 265 -34.82 5.11 -32.37
C PRO C 265 -33.53 4.66 -31.70
N LYS C 266 -33.02 5.50 -30.80
CA LYS C 266 -31.86 5.16 -29.99
C LYS C 266 -31.88 6.03 -28.75
N GLY C 267 -31.27 5.54 -27.69
CA GLY C 267 -31.25 6.28 -26.44
C GLY C 267 -32.48 6.04 -25.61
N TYR C 268 -32.97 7.10 -24.95
CA TYR C 268 -34.13 6.94 -24.07
C TYR C 268 -35.37 6.41 -24.78
N PRO C 269 -35.72 6.82 -26.01
CA PRO C 269 -36.89 6.21 -26.66
C PRO C 269 -36.82 4.71 -26.80
N LEU C 270 -35.64 4.16 -27.11
CA LEU C 270 -35.49 2.72 -27.20
C LEU C 270 -35.72 2.07 -25.85
N GLU C 271 -35.21 2.69 -24.78
CA GLU C 271 -35.45 2.19 -23.43
C GLU C 271 -36.93 2.23 -23.09
N HIS C 272 -37.63 3.29 -23.52
CA HIS C 272 -39.07 3.39 -23.28
C HIS C 272 -39.82 2.27 -23.99
N LEU C 273 -39.44 1.97 -25.24
CA LEU C 273 -40.07 0.87 -25.96
C LEU C 273 -39.85 -0.46 -25.24
N ILE C 274 -38.61 -0.69 -24.80
CA ILE C 274 -38.29 -1.95 -24.11
C ILE C 274 -39.09 -2.06 -22.82
N GLY C 275 -39.14 -0.97 -22.04
CA GLY C 275 -39.90 -1.00 -20.80
C GLY C 275 -41.38 -1.23 -21.01
N ASN C 276 -41.94 -0.63 -22.07
CA ASN C 276 -43.34 -0.86 -22.39
C ASN C 276 -43.59 -2.30 -22.79
N ALA C 277 -42.67 -2.90 -23.54
CA ALA C 277 -42.92 -4.23 -24.10
C ALA C 277 -42.91 -5.32 -23.02
N LEU C 278 -42.09 -5.15 -21.99
CA LEU C 278 -41.91 -6.22 -21.01
C LEU C 278 -43.16 -6.44 -20.17
N ASP C 279 -43.26 -7.64 -19.61
CA ASP C 279 -44.30 -8.00 -18.66
C ASP C 279 -43.66 -8.33 -17.32
N ASN C 280 -44.38 -8.05 -16.24
CA ASN C 280 -43.86 -8.28 -14.91
C ASN C 280 -43.67 -9.78 -14.66
N GLY C 281 -42.70 -10.11 -13.80
CA GLY C 281 -42.44 -11.49 -13.47
C GLY C 281 -41.52 -12.19 -14.45
N THR C 282 -40.32 -11.63 -14.65
CA THR C 282 -39.35 -12.25 -15.55
C THR C 282 -38.54 -13.29 -14.79
N THR C 283 -38.38 -14.46 -15.40
CA THR C 283 -37.66 -15.55 -14.77
C THR C 283 -36.21 -15.63 -15.24
N SER C 284 -35.99 -15.63 -16.55
CA SER C 284 -34.66 -15.74 -17.13
C SER C 284 -34.52 -14.72 -18.26
N MET C 285 -33.28 -14.53 -18.72
CA MET C 285 -33.01 -13.51 -19.72
C MET C 285 -33.53 -13.93 -21.09
N ALA C 286 -33.31 -15.18 -21.49
CA ALA C 286 -33.76 -15.62 -22.80
C ALA C 286 -35.28 -15.61 -22.91
N GLN C 287 -35.96 -16.09 -21.87
CA GLN C 287 -37.42 -16.03 -21.83
C GLN C 287 -37.90 -14.58 -21.87
N GLY C 288 -37.22 -13.70 -21.14
CA GLY C 288 -37.58 -12.29 -21.17
C GLY C 288 -37.44 -11.67 -22.55
N LEU C 289 -36.35 -11.98 -23.24
CA LEU C 289 -36.14 -11.45 -24.58
C LEU C 289 -37.21 -11.96 -25.55
N VAL C 290 -37.52 -13.26 -25.47
CA VAL C 290 -38.53 -13.82 -26.37
C VAL C 290 -39.88 -13.18 -26.12
N GLN C 291 -40.27 -13.07 -24.84
CA GLN C 291 -41.56 -12.45 -24.52
C GLN C 291 -41.59 -10.99 -24.95
N LEU C 292 -40.47 -10.27 -24.76
CA LEU C 292 -40.40 -8.86 -25.13
C LEU C 292 -40.62 -8.68 -26.62
N MET C 293 -39.89 -9.44 -27.45
CA MET C 293 -40.03 -9.30 -28.89
C MET C 293 -41.41 -9.73 -29.34
N ASP C 294 -41.95 -10.81 -28.76
CA ASP C 294 -43.28 -11.25 -29.14
C ASP C 294 -44.33 -10.19 -28.83
N THR C 295 -44.26 -9.59 -27.63
CA THR C 295 -45.21 -8.55 -27.26
C THR C 295 -45.06 -7.32 -28.14
N PHE C 296 -43.83 -6.95 -28.47
CA PHE C 296 -43.61 -5.81 -29.35
C PHE C 296 -44.23 -6.04 -30.72
N LEU C 297 -44.03 -7.23 -31.29
CA LEU C 297 -44.64 -7.54 -32.57
C LEU C 297 -46.16 -7.55 -32.48
N SER C 298 -46.70 -8.07 -31.38
CA SER C 298 -48.15 -8.15 -31.24
C SER C 298 -48.80 -6.77 -31.12
N ARG C 299 -48.18 -5.87 -30.35
CA ARG C 299 -48.86 -4.63 -29.99
C ARG C 299 -48.97 -3.67 -31.17
N TRP C 300 -47.88 -3.48 -31.93
CA TRP C 300 -47.81 -2.45 -32.95
C TRP C 300 -48.03 -2.99 -34.37
N ALA C 301 -48.62 -4.18 -34.50
CA ALA C 301 -48.88 -4.70 -35.84
C ALA C 301 -49.86 -3.82 -36.59
N ALA C 302 -50.92 -3.36 -35.92
CA ALA C 302 -51.91 -2.52 -36.57
C ALA C 302 -51.30 -1.20 -37.03
N ILE C 303 -50.47 -0.59 -36.19
CA ILE C 303 -49.81 0.66 -36.58
C ILE C 303 -48.81 0.42 -37.70
N TYR C 304 -48.11 -0.72 -37.66
CA TYR C 304 -47.14 -1.02 -38.72
C TYR C 304 -47.80 -1.17 -40.07
N ASN C 305 -48.91 -1.92 -40.13
CA ASN C 305 -49.55 -2.11 -41.42
C ASN C 305 -50.27 -0.85 -41.91
N GLN C 306 -50.46 0.14 -41.04
CA GLN C 306 -50.97 1.44 -41.45
C GLN C 306 -49.87 2.46 -41.69
N LYS C 307 -48.61 2.09 -41.46
CA LYS C 307 -47.45 2.96 -41.71
C LYS C 307 -47.55 4.26 -40.90
N SER C 308 -47.53 4.09 -39.58
CA SER C 308 -47.58 5.22 -38.64
C SER C 308 -46.64 4.91 -37.49
N LYS C 309 -46.75 5.70 -36.42
CA LYS C 309 -45.91 5.54 -35.25
C LYS C 309 -46.75 5.56 -33.98
N PRO C 310 -46.29 4.92 -32.91
CA PRO C 310 -47.07 4.88 -31.68
C PRO C 310 -46.99 6.20 -30.91
N TRP C 311 -47.89 6.30 -29.92
CA TRP C 311 -47.95 7.44 -29.02
C TRP C 311 -47.73 6.93 -27.60
N LEU C 312 -46.61 7.31 -26.99
CA LEU C 312 -46.27 6.86 -25.66
C LEU C 312 -46.03 8.06 -24.76
N SER C 313 -46.64 8.05 -23.59
CA SER C 313 -46.58 9.17 -22.67
C SER C 313 -45.43 9.00 -21.70
N ASP C 314 -44.72 10.10 -21.44
CA ASP C 314 -43.57 10.07 -20.54
C ASP C 314 -44.02 9.83 -19.11
N HIS C 315 -43.13 9.20 -18.33
CA HIS C 315 -43.46 8.87 -16.95
C HIS C 315 -43.54 10.13 -16.09
N GLY C 316 -42.63 11.07 -16.29
CA GLY C 316 -42.63 12.30 -15.51
C GLY C 316 -43.73 13.25 -15.92
N VAL C 317 -43.74 13.62 -17.19
CA VAL C 317 -44.75 14.51 -17.75
C VAL C 317 -45.70 13.67 -18.60
N ALA C 318 -46.98 13.64 -18.23
CA ALA C 318 -47.95 12.80 -18.91
C ALA C 318 -48.45 13.41 -20.21
N GLU C 319 -48.19 14.69 -20.46
CA GLU C 319 -48.69 15.38 -21.64
C GLU C 319 -47.68 15.38 -22.79
N HIS C 320 -46.56 14.68 -22.63
CA HIS C 320 -45.50 14.68 -23.63
C HIS C 320 -45.41 13.32 -24.29
N ASP C 321 -45.03 13.33 -25.56
CA ASP C 321 -44.85 12.11 -26.34
C ASP C 321 -43.37 11.84 -26.49
N VAL C 322 -42.93 10.67 -26.05
CA VAL C 322 -41.52 10.31 -26.20
C VAL C 322 -41.19 10.09 -27.68
N MET C 323 -42.10 9.48 -28.42
CA MET C 323 -41.89 9.21 -29.84
C MET C 323 -42.36 10.39 -30.69
N ALA C 324 -41.87 11.57 -30.34
CA ALA C 324 -42.29 12.80 -31.02
C ALA C 324 -41.46 13.12 -32.24
N ARG C 325 -40.15 12.85 -32.20
CA ARG C 325 -39.25 13.20 -33.28
C ARG C 325 -38.95 12.02 -34.20
N LEU C 326 -39.68 10.92 -34.04
CA LEU C 326 -39.46 9.70 -34.81
C LEU C 326 -40.35 9.69 -36.04
N THR C 327 -39.79 9.30 -37.18
CA THR C 327 -40.55 9.19 -38.41
C THR C 327 -41.15 7.79 -38.55
N ALA C 328 -42.13 7.68 -39.45
CA ALA C 328 -42.85 6.42 -39.62
C ALA C 328 -41.95 5.34 -40.25
N GLU C 329 -41.14 5.72 -41.24
CA GLU C 329 -40.29 4.75 -41.90
C GLU C 329 -39.26 4.16 -40.95
N ASP C 330 -38.76 4.98 -40.02
CA ASP C 330 -37.86 4.46 -38.99
C ASP C 330 -38.54 3.41 -38.15
N PHE C 331 -39.79 3.66 -37.77
CA PHE C 331 -40.54 2.67 -36.99
C PHE C 331 -40.76 1.40 -37.78
N CYS C 332 -41.05 1.52 -39.07
CA CYS C 332 -41.25 0.33 -39.90
C CYS C 332 -39.98 -0.51 -40.02
N SER C 333 -38.84 0.15 -40.26
CA SER C 333 -37.57 -0.58 -40.36
C SER C 333 -37.21 -1.23 -39.03
N PHE C 334 -37.43 -0.52 -37.92
CA PHE C 334 -37.19 -1.12 -36.61
C PHE C 334 -38.10 -2.32 -36.39
N TYR C 335 -39.35 -2.23 -36.85
CA TYR C 335 -40.27 -3.35 -36.72
C TYR C 335 -39.77 -4.57 -37.49
N GLU C 336 -39.28 -4.36 -38.71
CA GLU C 336 -38.76 -5.48 -39.49
C GLU C 336 -37.54 -6.11 -38.81
N GLY C 337 -36.61 -5.27 -38.33
CA GLY C 337 -35.46 -5.81 -37.62
C GLY C 337 -35.86 -6.59 -36.38
N ILE C 338 -36.84 -6.07 -35.64
CA ILE C 338 -37.34 -6.76 -34.46
C ILE C 338 -37.95 -8.11 -34.84
N ALA C 339 -38.64 -8.16 -35.99
CA ALA C 339 -39.22 -9.41 -36.44
C ALA C 339 -38.13 -10.45 -36.72
N SER C 340 -37.07 -10.04 -37.41
CA SER C 340 -35.98 -10.97 -37.68
C SER C 340 -35.30 -11.45 -36.40
N ALA C 341 -35.04 -10.51 -35.48
CA ALA C 341 -34.43 -10.89 -34.21
C ALA C 341 -35.32 -11.81 -33.41
N ALA C 342 -36.64 -11.59 -33.46
CA ALA C 342 -37.58 -12.45 -32.77
C ALA C 342 -37.56 -13.86 -33.34
N GLU C 343 -37.48 -13.98 -34.67
CA GLU C 343 -37.37 -15.31 -35.26
C GLU C 343 -36.12 -16.02 -34.77
N ILE C 344 -34.98 -15.33 -34.78
CA ILE C 344 -33.74 -15.96 -34.36
C ILE C 344 -33.81 -16.39 -32.90
N ALA C 345 -34.32 -15.51 -32.04
CA ALA C 345 -34.42 -15.84 -30.62
C ALA C 345 -35.38 -17.00 -30.38
N ARG C 346 -36.49 -17.04 -31.12
CA ARG C 346 -37.45 -18.12 -30.96
C ARG C 346 -36.82 -19.46 -31.33
N ASN C 347 -36.09 -19.52 -32.44
CA ASN C 347 -35.47 -20.80 -32.78
C ASN C 347 -34.29 -21.11 -31.88
N ALA C 348 -33.69 -20.10 -31.26
CA ALA C 348 -32.56 -20.35 -30.36
C ALA C 348 -33.03 -20.92 -29.03
N LEU C 349 -34.14 -20.41 -28.49
CA LEU C 349 -34.57 -20.84 -27.16
C LEU C 349 -34.97 -22.31 -27.15
N ALA C 350 -35.66 -22.77 -28.20
CA ALA C 350 -36.16 -24.14 -28.21
C ALA C 350 -35.03 -25.16 -28.32
N SER C 351 -33.90 -24.79 -28.90
CA SER C 351 -32.81 -25.73 -29.11
C SER C 351 -32.29 -26.23 -27.77
N GLU C 352 -32.08 -27.55 -27.69
CA GLU C 352 -31.61 -28.18 -26.46
C GLU C 352 -30.10 -28.37 -26.44
N GLU C 353 -29.45 -28.46 -27.58
CA GLU C 353 -28.00 -28.60 -27.62
C GLU C 353 -27.36 -27.28 -27.19
N PRO C 354 -26.54 -27.28 -26.13
CA PRO C 354 -26.00 -25.99 -25.64
C PRO C 354 -25.15 -25.25 -26.67
N GLN C 355 -24.34 -25.96 -27.44
CA GLN C 355 -23.45 -25.28 -28.39
C GLN C 355 -24.23 -24.64 -29.53
N GLU C 356 -25.23 -25.36 -30.04
CA GLU C 356 -26.06 -24.81 -31.11
C GLU C 356 -26.83 -23.58 -30.64
N SER C 357 -27.40 -23.65 -29.43
CA SER C 357 -28.11 -22.50 -28.88
C SER C 357 -27.17 -21.32 -28.67
N ALA C 358 -25.96 -21.58 -28.18
CA ALA C 358 -24.99 -20.51 -27.98
C ALA C 358 -24.61 -19.87 -29.31
N GLN C 359 -24.43 -20.68 -30.35
CA GLN C 359 -24.12 -20.12 -31.67
C GLN C 359 -25.28 -19.28 -32.20
N LEU C 360 -26.51 -19.76 -32.01
CA LEU C 360 -27.67 -18.98 -32.46
C LEU C 360 -27.77 -17.66 -31.73
N TRP C 361 -27.49 -17.66 -30.42
CA TRP C 361 -27.46 -16.40 -29.68
C TRP C 361 -26.33 -15.49 -30.18
N ARG C 362 -25.17 -16.07 -30.49
CA ARG C 362 -24.05 -15.29 -31.00
C ARG C 362 -24.34 -14.70 -32.37
N GLN C 363 -25.24 -15.31 -33.14
CA GLN C 363 -25.61 -14.74 -34.43
C GLN C 363 -26.14 -13.31 -34.29
N LEU C 364 -26.81 -13.02 -33.17
CA LEU C 364 -27.35 -11.69 -32.92
C LEU C 364 -26.42 -10.82 -32.09
N PHE C 365 -26.06 -11.28 -30.90
CA PHE C 365 -25.32 -10.44 -29.96
C PHE C 365 -23.89 -10.18 -30.44
N GLY C 366 -23.30 -11.12 -31.15
CA GLY C 366 -21.96 -10.96 -31.68
C GLY C 366 -20.97 -11.91 -31.05
N SER C 367 -19.69 -11.56 -31.20
CA SER C 367 -18.61 -12.42 -30.71
C SER C 367 -18.46 -12.36 -29.19
N LYS C 368 -18.97 -11.30 -28.55
CA LYS C 368 -18.82 -11.16 -27.11
C LYS C 368 -19.66 -12.15 -26.32
N PHE C 369 -20.59 -12.85 -26.95
CA PHE C 369 -21.30 -13.92 -26.27
C PHE C 369 -20.43 -15.17 -26.23
N PRO C 370 -20.03 -15.64 -25.06
CA PRO C 370 -19.10 -16.77 -24.99
C PRO C 370 -19.77 -18.10 -25.34
N LEU C 371 -18.93 -19.07 -25.68
CA LEU C 371 -19.37 -20.42 -26.01
C LEU C 371 -19.07 -21.36 -24.84
N PRO C 372 -20.01 -22.24 -24.46
CA PRO C 372 -19.81 -23.19 -23.36
C PRO C 372 -18.61 -24.10 -23.56
N GLN C 393 -2.45 -9.49 -11.69
CA GLN C 393 -1.06 -9.08 -11.80
C GLN C 393 -0.79 -7.81 -11.01
N LYS C 394 -0.09 -7.95 -9.88
CA LYS C 394 0.26 -6.83 -9.02
C LYS C 394 1.75 -6.61 -9.06
N THR C 395 2.16 -5.37 -9.34
CA THR C 395 3.57 -5.01 -9.39
C THR C 395 4.12 -4.83 -7.98
N GLY C 396 5.44 -4.92 -7.87
CA GLY C 396 6.11 -4.77 -6.59
C GLY C 396 6.62 -3.36 -6.35
N ARG C 397 6.09 -2.70 -5.33
CA ARG C 397 6.53 -1.36 -4.94
C ARG C 397 7.05 -1.41 -3.52
N PHE C 398 8.21 -0.78 -3.30
CA PHE C 398 8.87 -0.77 -2.00
C PHE C 398 9.20 0.67 -1.62
N ALA C 399 9.22 0.93 -0.32
CA ALA C 399 9.50 2.28 0.17
C ALA C 399 10.11 2.26 1.56
P AMP D . 9.56 0.74 4.00
O1P AMP D . 10.45 1.20 5.12
O2P AMP D . 9.03 -0.66 4.16
O3P AMP D . 10.05 1.07 2.61
O5' AMP D . 8.26 1.64 4.15
C5' AMP D . 7.18 1.23 4.98
C4' AMP D . 6.77 2.31 5.95
O4' AMP D . 5.34 2.55 5.83
C3' AMP D . 7.03 1.99 7.42
O3' AMP D . 7.42 3.18 8.10
C2' AMP D . 5.66 1.55 7.92
O2' AMP D . 5.45 1.72 9.31
C1' AMP D . 4.73 2.44 7.10
N9 AMP D . 3.39 1.91 6.92
C8 AMP D . 3.05 0.82 6.21
N7 AMP D . 1.71 0.61 6.24
C5 AMP D . 1.17 1.57 7.00
C6 AMP D . -0.19 1.94 7.45
N6 AMP D . -1.27 1.20 7.08
N1 AMP D . -0.32 3.04 8.24
C2 AMP D . 0.74 3.78 8.61
N3 AMP D . 2.00 3.50 8.24
C4 AMP D . 2.27 2.43 7.45
MG MG E . -26.04 13.03 -23.33
MG MG F . -26.53 9.61 -21.52
PG ATP G . -27.24 6.94 -23.98
O1G ATP G . -26.12 7.48 -23.15
O2G ATP G . -27.00 7.05 -25.48
O3G ATP G . -27.62 5.50 -23.62
PB ATP G . -29.39 8.39 -22.54
O1B ATP G . -30.38 7.44 -22.01
O2B ATP G . -28.38 8.94 -21.53
O3B ATP G . -28.56 7.77 -23.73
PA ATP G . -29.68 11.17 -23.47
O1A ATP G . -28.30 11.45 -23.05
O2A ATP G . -30.02 11.50 -24.92
O3A ATP G . -30.06 9.65 -23.24
O5' ATP G . -30.72 11.92 -22.53
C5' ATP G . -30.43 12.14 -21.14
C4' ATP G . -31.73 12.08 -20.37
O4' ATP G . -32.70 12.97 -20.98
C3' ATP G . -32.42 10.72 -20.35
O3' ATP G . -31.90 9.91 -19.31
C2' ATP G . -33.88 11.10 -20.09
O2' ATP G . -34.09 11.36 -18.71
C1' ATP G . -34.00 12.40 -20.89
N9 ATP G . -34.51 12.21 -22.25
C8 ATP G . -33.78 12.08 -23.40
N7 ATP G . -34.50 11.92 -24.48
C5 ATP G . -35.81 11.97 -24.01
C6 ATP G . -37.05 11.86 -24.65
N6 ATP G . -37.20 11.67 -25.97
N1 ATP G . -38.17 11.94 -23.88
C2 ATP G . -38.03 12.12 -22.57
N3 ATP G . -36.91 12.23 -21.86
C4 ATP G . -35.82 12.14 -22.63
PB ADP H . -37.21 19.46 -27.82
O1B ADP H . -36.32 19.98 -26.72
O2B ADP H . -36.52 19.31 -29.15
O3B ADP H . -38.56 20.12 -27.89
PA ADP H . -36.38 16.85 -27.14
O1A ADP H . -35.01 17.48 -27.19
O2A ADP H . -36.69 15.62 -27.95
O3A ADP H . -37.53 17.94 -27.38
O5' ADP H . -36.65 16.51 -25.59
C5' ADP H . -37.53 15.46 -25.21
C4' ADP H . -37.77 15.64 -23.72
O4' ADP H . -36.68 15.05 -23.01
C3' ADP H . -37.78 17.11 -23.36
O3' ADP H . -39.08 17.50 -22.94
C2' ADP H . -36.85 17.26 -22.19
O2' ADP H . -37.62 17.67 -21.06
C1' ADP H . -36.27 15.88 -21.93
N9 ADP H . -34.79 15.95 -21.94
C8 ADP H . -34.03 15.90 -23.04
N7 ADP H . -32.72 15.99 -22.71
C5 ADP H . -32.65 16.10 -21.38
C6 ADP H . -31.56 16.23 -20.39
N6 ADP H . -30.26 16.26 -20.78
N1 ADP H . -31.91 16.33 -19.09
C2 ADP H . -33.18 16.30 -18.70
N3 ADP H . -34.22 16.18 -19.54
C4 ADP H . -34.01 16.08 -20.87
#